data_7WY1
#
_entry.id   7WY1
#
_cell.length_a   58.740
_cell.length_b   128.950
_cell.length_c   149.310
_cell.angle_alpha   90.000
_cell.angle_beta   90.000
_cell.angle_gamma   90.000
#
_symmetry.space_group_name_H-M   'P 21 21 21'
#
loop_
_entity.id
_entity.type
_entity.pdbx_description
1 polymer 'Bifunctional cytochrome P450/NADPH--P450 reductase'
2 non-polymer 'Oxomolybdenum Mesoporphyrin IX'
3 non-polymer '(2S)-2-[[(2S)-1-heptylpyrrolidin-2-yl]carbonylamino]-3-phenyl-propanoic acid'
4 non-polymer ethenylbenzene
5 non-polymer sorbitol
6 water water
#
_entity_poly.entity_id   1
_entity_poly.type   'polypeptide(L)'
_entity_poly.pdbx_seq_one_letter_code
;MTIKEMPQPKTFGELKNLPLLNTDKPVQALMKIADELGEIFKFEAPGRVTRYLSSQRLIKEACDESRFDKNLSQALKFVR
DFAGDGLFTSWTHEKNWKKAHNILLPSFSQQAMKGYHAMMVDIAVQLVQKWERLNADEHIEVPEDMTRLTLDTIGLCGFN
YRFNSFYRDQPHPFITSMVRALDEAMNKLQRANPDDPAYDENKRQFQEDIKVMNDLVDKIIADRKASGEQSDDLLTHMLN
GKDPETGEPLDDENIRYQIITFLIAGHETTSGLLSFALYFLVKNPHVLQKAAEEAARVLVDPVPSYKQVKQLKYVGMVLN
EALRLWPTAPAFSLYAKEDTVLGGEYPLEKGDELMVLIPQLHRDKTIWGDDVEEFRPERFENPSAIPQHAFKPFGNGQRA
CIGQQFALHEATLVLGMMLKHFDFEDHTNYELDIKETLTLKPEGFVVKAKSKKIPL
;
_entity_poly.pdbx_strand_id   A,B
#
loop_
_chem_comp.id
_chem_comp.type
_chem_comp.name
_chem_comp.formula
D0L non-polymer '(2S)-2-[[(2S)-1-heptylpyrrolidin-2-yl]carbonylamino]-3-phenyl-propanoic acid' 'C21 H32 N2 O3'
MI9 non-polymer 'Oxomolybdenum Mesoporphyrin IX' 'C34 H36 Mo N4 O5'
SOR D-saccharide sorbitol 'C6 H14 O6'
SYN non-polymer ethenylbenzene 'C8 H8'
#
# COMPACT_ATOMS: atom_id res chain seq x y z
N ILE A 3 -4.12 59.91 -11.69
CA ILE A 3 -5.20 59.03 -11.07
C ILE A 3 -5.97 58.33 -12.21
N LYS A 4 -5.79 57.01 -12.37
CA LYS A 4 -6.43 56.17 -13.42
C LYS A 4 -7.62 55.38 -12.82
N GLU A 5 -8.61 55.09 -13.67
CA GLU A 5 -9.70 54.12 -13.39
C GLU A 5 -9.21 52.73 -13.83
N MET A 6 -9.36 51.71 -13.00
CA MET A 6 -8.83 50.39 -13.39
C MET A 6 -9.90 49.65 -14.18
N PRO A 7 -9.47 48.78 -15.11
CA PRO A 7 -10.42 47.95 -15.83
C PRO A 7 -11.04 46.88 -14.92
N GLN A 8 -12.07 46.25 -15.47
CA GLN A 8 -12.89 45.26 -14.76
C GLN A 8 -13.40 44.27 -15.78
N PRO A 9 -13.32 42.94 -15.49
CA PRO A 9 -13.85 41.97 -16.43
C PRO A 9 -15.37 41.98 -16.45
N LYS A 10 -15.92 41.19 -17.34
CA LYS A 10 -17.36 41.19 -17.67
C LYS A 10 -18.17 40.86 -16.42
N THR A 11 -19.31 41.51 -16.29
CA THR A 11 -20.24 41.39 -15.15
C THR A 11 -21.53 40.67 -15.56
N PHE A 12 -22.25 40.22 -14.53
CA PHE A 12 -23.44 39.36 -14.62
C PHE A 12 -24.55 39.95 -13.76
N GLY A 13 -24.92 41.21 -14.03
CA GLY A 13 -25.95 41.94 -13.27
C GLY A 13 -25.63 41.94 -11.79
N GLU A 14 -26.58 41.53 -10.95
CA GLU A 14 -26.44 41.67 -9.47
C GLU A 14 -25.37 40.70 -8.94
N LEU A 15 -24.93 39.71 -9.73
CA LEU A 15 -23.84 38.78 -9.34
C LEU A 15 -22.46 39.38 -9.63
N LYS A 16 -22.42 40.53 -10.33
N LYS A 16 -22.40 40.55 -10.30
CA LYS A 16 -21.18 41.27 -10.69
CA LYS A 16 -21.15 41.28 -10.60
C LYS A 16 -20.20 40.28 -11.34
C LYS A 16 -20.20 40.31 -11.33
N ASN A 17 -18.99 40.08 -10.81
CA ASN A 17 -17.98 39.20 -11.48
C ASN A 17 -18.02 37.77 -10.91
N LEU A 18 -18.87 37.47 -9.93
CA LEU A 18 -18.82 36.16 -9.23
C LEU A 18 -18.86 34.99 -10.21
N PRO A 19 -19.71 34.96 -11.25
CA PRO A 19 -19.76 33.80 -12.14
C PRO A 19 -18.47 33.49 -12.91
N LEU A 20 -17.53 34.43 -12.97
CA LEU A 20 -16.20 34.15 -13.59
C LEU A 20 -15.46 33.08 -12.75
N LEU A 21 -15.84 32.89 -11.49
CA LEU A 21 -15.23 31.85 -10.61
C LEU A 21 -15.95 30.50 -10.77
N ASN A 22 -17.01 30.45 -11.57
CA ASN A 22 -17.76 29.19 -11.84
C ASN A 22 -17.01 28.38 -12.89
N THR A 23 -15.87 27.83 -12.49
CA THR A 23 -14.94 27.03 -13.32
C THR A 23 -14.14 26.13 -12.38
N ASP A 24 -13.67 24.99 -12.87
CA ASP A 24 -12.80 24.09 -12.07
C ASP A 24 -11.40 24.70 -12.02
N LYS A 25 -11.09 25.75 -12.81
CA LYS A 25 -9.70 26.31 -12.88
C LYS A 25 -9.75 27.83 -12.75
N PRO A 26 -10.18 28.34 -11.59
CA PRO A 26 -10.36 29.77 -11.40
C PRO A 26 -9.07 30.60 -11.42
N VAL A 27 -7.97 30.10 -10.86
CA VAL A 27 -6.69 30.85 -10.91
C VAL A 27 -6.28 31.01 -12.37
N GLN A 28 -6.36 29.93 -13.14
CA GLN A 28 -5.99 29.99 -14.59
C GLN A 28 -6.93 30.97 -15.31
N ALA A 29 -8.22 31.00 -14.94
CA ALA A 29 -9.20 31.96 -15.52
C ALA A 29 -8.76 33.39 -15.20
N LEU A 30 -8.34 33.64 -13.96
CA LEU A 30 -7.90 34.99 -13.53
C LEU A 30 -6.60 35.40 -14.23
N MET A 31 -5.70 34.46 -14.50
CA MET A 31 -4.48 34.71 -15.28
C MET A 31 -4.86 35.16 -16.69
N LYS A 32 -5.85 34.51 -17.32
CA LYS A 32 -6.30 34.89 -18.68
C LYS A 32 -6.91 36.30 -18.65
N ILE A 33 -7.68 36.64 -17.61
CA ILE A 33 -8.23 38.02 -17.44
C ILE A 33 -7.06 39.00 -17.31
N ALA A 34 -6.06 38.69 -16.48
CA ALA A 34 -4.88 39.56 -16.32
C ALA A 34 -4.16 39.76 -17.66
N ASP A 35 -4.02 38.70 -18.48
CA ASP A 35 -3.45 38.80 -19.84
C ASP A 35 -4.20 39.87 -20.63
N GLU A 36 -5.53 39.90 -20.53
CA GLU A 36 -6.38 40.83 -21.33
C GLU A 36 -6.32 42.24 -20.71
N LEU A 37 -6.41 42.37 -19.39
CA LEU A 37 -6.70 43.67 -18.76
C LEU A 37 -5.43 44.34 -18.21
N GLY A 38 -4.36 43.58 -17.96
CA GLY A 38 -3.06 44.11 -17.54
C GLY A 38 -2.82 44.01 -16.05
N GLU A 39 -2.01 44.92 -15.52
CA GLU A 39 -1.34 44.78 -14.21
C GLU A 39 -2.32 44.92 -13.04
N ILE A 40 -3.50 45.49 -13.27
CA ILE A 40 -4.50 45.67 -12.19
C ILE A 40 -5.90 45.59 -12.77
N PHE A 41 -6.78 44.84 -12.11
CA PHE A 41 -8.22 44.89 -12.45
C PHE A 41 -9.07 44.78 -11.18
N LYS A 42 -10.22 45.43 -11.23
CA LYS A 42 -11.24 45.38 -10.15
C LYS A 42 -12.04 44.09 -10.33
N PHE A 43 -12.36 43.41 -9.23
CA PHE A 43 -13.20 42.19 -9.27
C PHE A 43 -14.23 42.34 -8.15
N GLU A 44 -15.52 42.31 -8.48
N GLU A 44 -15.51 42.29 -8.49
CA GLU A 44 -16.63 42.57 -7.51
CA GLU A 44 -16.62 42.53 -7.54
C GLU A 44 -17.49 41.31 -7.38
C GLU A 44 -17.44 41.24 -7.37
N ALA A 45 -17.92 41.03 -6.15
CA ALA A 45 -18.98 40.05 -5.84
C ALA A 45 -20.01 40.82 -5.01
N PRO A 46 -21.24 40.32 -4.82
N PRO A 46 -21.21 40.26 -4.75
CA PRO A 46 -22.22 41.05 -4.02
CA PRO A 46 -22.06 40.81 -3.70
C PRO A 46 -21.63 41.40 -2.64
C PRO A 46 -21.28 40.78 -2.37
N GLY A 47 -21.60 42.69 -2.30
N GLY A 47 -21.09 41.95 -1.73
CA GLY A 47 -21.12 43.22 -1.00
CA GLY A 47 -20.44 42.09 -0.42
C GLY A 47 -19.61 43.13 -0.80
C GLY A 47 -18.93 41.90 -0.46
N ARG A 48 -18.81 42.84 -1.84
N ARG A 48 -18.27 42.12 -1.60
CA ARG A 48 -17.33 42.71 -1.72
CA ARG A 48 -16.79 41.99 -1.69
C ARG A 48 -16.62 43.22 -2.98
C ARG A 48 -16.25 42.67 -2.96
N VAL A 49 -15.38 43.67 -2.80
CA VAL A 49 -14.52 44.23 -3.89
C VAL A 49 -13.08 43.82 -3.60
N THR A 50 -12.35 43.40 -4.62
CA THR A 50 -10.89 43.28 -4.53
C THR A 50 -10.27 43.77 -5.83
N ARG A 51 -8.96 43.89 -5.81
CA ARG A 51 -8.16 44.33 -6.97
C ARG A 51 -7.04 43.31 -7.15
N TYR A 52 -6.99 42.70 -8.32
CA TYR A 52 -5.98 41.70 -8.71
C TYR A 52 -4.76 42.42 -9.28
N LEU A 53 -3.62 42.22 -8.64
CA LEU A 53 -2.31 42.77 -9.07
C LEU A 53 -1.48 41.70 -9.73
N SER A 54 -0.85 42.05 -10.85
CA SER A 54 -0.06 41.12 -11.69
C SER A 54 1.32 41.67 -12.01
N SER A 55 1.65 42.93 -11.71
CA SER A 55 2.96 43.50 -12.12
C SER A 55 3.84 43.67 -10.89
N GLN A 56 5.14 43.50 -11.07
CA GLN A 56 6.14 43.80 -10.05
C GLN A 56 6.04 45.28 -9.67
N ARG A 57 5.71 46.16 -10.61
CA ARG A 57 5.66 47.63 -10.34
C ARG A 57 4.67 47.90 -9.19
N LEU A 58 3.50 47.24 -9.18
CA LEU A 58 2.48 47.49 -8.13
C LEU A 58 2.71 46.56 -6.94
N ILE A 59 3.12 45.34 -7.19
CA ILE A 59 3.27 44.36 -6.07
C ILE A 59 4.41 44.79 -5.14
N LYS A 60 5.47 45.42 -5.63
CA LYS A 60 6.57 45.89 -4.74
C LYS A 60 6.00 46.86 -3.71
N GLU A 61 5.01 47.68 -4.08
CA GLU A 61 4.36 48.64 -3.14
C GLU A 61 3.42 47.88 -2.20
N ALA A 62 2.67 46.91 -2.72
CA ALA A 62 1.73 46.10 -1.91
C ALA A 62 2.51 45.36 -0.80
N CYS A 63 3.79 45.07 -1.03
CA CYS A 63 4.65 44.32 -0.07
C CYS A 63 5.23 45.22 1.03
N ASP A 64 4.91 46.53 0.99
CA ASP A 64 5.28 47.47 2.08
C ASP A 64 4.38 47.18 3.28
N GLU A 65 4.93 46.56 4.31
CA GLU A 65 4.20 46.14 5.54
C GLU A 65 3.72 47.35 6.35
N SER A 66 4.31 48.54 6.16
CA SER A 66 3.83 49.77 6.83
C SER A 66 2.49 50.18 6.22
N ARG A 67 2.19 49.79 4.98
CA ARG A 67 0.97 50.27 4.26
C ARG A 67 -0.07 49.14 4.12
N PHE A 68 0.36 47.88 4.07
CA PHE A 68 -0.52 46.74 3.75
C PHE A 68 -0.22 45.57 4.68
N ASP A 69 -1.27 44.93 5.17
CA ASP A 69 -1.16 43.74 6.05
C ASP A 69 -1.84 42.56 5.34
N LYS A 70 -1.55 41.37 5.81
CA LYS A 70 -2.21 40.16 5.29
C LYS A 70 -3.72 40.24 5.51
N ASN A 71 -4.46 39.97 4.45
CA ASN A 71 -5.93 39.84 4.49
C ASN A 71 -6.31 38.36 4.37
N LEU A 72 -7.42 37.96 4.98
CA LEU A 72 -8.05 36.65 4.68
C LEU A 72 -8.92 36.83 3.44
N SER A 73 -8.48 36.25 2.32
CA SER A 73 -9.30 36.05 1.11
C SER A 73 -10.56 35.28 1.51
N GLN A 74 -11.59 35.26 0.64
N GLN A 74 -11.58 35.26 0.65
CA GLN A 74 -12.77 34.41 0.91
CA GLN A 74 -12.78 34.42 0.88
C GLN A 74 -12.33 32.95 1.07
C GLN A 74 -12.34 32.95 1.06
N ALA A 75 -11.39 32.48 0.25
CA ALA A 75 -10.85 31.11 0.34
C ALA A 75 -10.32 30.84 1.75
N LEU A 76 -9.54 31.76 2.32
CA LEU A 76 -8.99 31.57 3.67
C LEU A 76 -10.07 31.67 4.73
N LYS A 77 -11.10 32.52 4.54
N LYS A 77 -11.10 32.52 4.54
CA LYS A 77 -12.23 32.58 5.51
CA LYS A 77 -12.24 32.57 5.51
C LYS A 77 -12.95 31.22 5.52
C LYS A 77 -12.94 31.21 5.52
N PHE A 78 -13.06 30.55 4.36
CA PHE A 78 -13.73 29.23 4.26
C PHE A 78 -12.84 28.16 4.92
N VAL A 79 -11.53 28.20 4.67
CA VAL A 79 -10.59 27.22 5.27
C VAL A 79 -10.51 27.42 6.78
N ARG A 80 -10.70 28.65 7.26
CA ARG A 80 -10.71 28.96 8.70
C ARG A 80 -11.79 28.14 9.42
N ASP A 81 -12.84 27.70 8.71
CA ASP A 81 -13.85 26.82 9.33
C ASP A 81 -13.18 25.59 9.97
N PHE A 82 -12.04 25.11 9.45
CA PHE A 82 -11.32 23.97 10.06
C PHE A 82 -9.92 24.35 10.55
N ALA A 83 -9.30 25.40 10.01
CA ALA A 83 -7.92 25.77 10.41
C ALA A 83 -7.92 26.89 11.45
N GLY A 84 -9.08 27.46 11.78
CA GLY A 84 -9.26 28.39 12.90
C GLY A 84 -8.24 29.50 12.93
N ASP A 85 -7.69 29.81 14.10
CA ASP A 85 -6.65 30.87 14.25
C ASP A 85 -5.28 30.20 14.32
N GLY A 86 -5.09 29.13 13.54
CA GLY A 86 -3.77 28.62 13.18
C GLY A 86 -2.98 29.69 12.43
N LEU A 87 -1.70 29.43 12.17
CA LEU A 87 -0.81 30.50 11.67
C LEU A 87 -1.28 31.00 10.30
N PHE A 88 -1.80 30.12 9.44
CA PHE A 88 -2.11 30.47 8.03
C PHE A 88 -3.39 31.31 7.95
N THR A 89 -4.35 31.06 8.84
CA THR A 89 -5.71 31.66 8.73
C THR A 89 -6.01 32.66 9.87
N SER A 90 -5.00 33.06 10.62
N SER A 90 -4.98 33.06 10.60
CA SER A 90 -5.13 34.11 11.66
CA SER A 90 -5.02 34.12 11.63
C SER A 90 -4.80 35.49 11.06
C SER A 90 -4.84 35.50 10.99
N TRP A 91 -5.48 36.51 11.56
CA TRP A 91 -5.12 37.92 11.29
C TRP A 91 -3.85 38.22 12.06
N THR A 92 -3.04 39.12 11.54
CA THR A 92 -1.76 39.53 12.19
C THR A 92 -2.02 40.08 13.60
N HIS A 93 -3.18 40.72 13.79
CA HIS A 93 -3.54 41.43 15.05
C HIS A 93 -4.20 40.50 16.06
N GLU A 94 -4.51 39.25 15.70
CA GLU A 94 -5.02 38.26 16.68
C GLU A 94 -3.85 37.85 17.57
N LYS A 95 -4.04 37.88 18.88
CA LYS A 95 -3.01 37.48 19.86
C LYS A 95 -2.34 36.17 19.43
N ASN A 96 -3.12 35.19 18.99
CA ASN A 96 -2.61 33.82 18.71
C ASN A 96 -1.68 33.80 17.48
N TRP A 97 -1.72 34.80 16.60
CA TRP A 97 -0.76 34.84 15.46
C TRP A 97 0.68 35.04 16.01
N LYS A 98 0.99 36.18 16.64
CA LYS A 98 2.39 36.45 17.06
C LYS A 98 2.82 35.41 18.12
N LYS A 99 1.90 35.00 19.00
CA LYS A 99 2.19 33.99 20.04
C LYS A 99 2.66 32.68 19.39
N ALA A 100 1.89 32.13 18.46
CA ALA A 100 2.23 30.86 17.79
C ALA A 100 3.50 31.05 16.94
N HIS A 101 3.63 32.21 16.29
CA HIS A 101 4.83 32.54 15.47
C HIS A 101 6.08 32.44 16.35
N ASN A 102 6.04 33.10 17.50
CA ASN A 102 7.19 33.15 18.43
C ASN A 102 7.51 31.74 18.92
N ILE A 103 6.48 30.94 19.22
CA ILE A 103 6.63 29.58 19.81
C ILE A 103 7.12 28.60 18.74
N LEU A 104 6.68 28.75 17.49
CA LEU A 104 6.97 27.72 16.47
C LEU A 104 8.15 28.08 15.59
N LEU A 105 8.58 29.35 15.53
CA LEU A 105 9.72 29.73 14.66
C LEU A 105 10.97 28.89 14.99
N PRO A 106 11.32 28.61 16.26
CA PRO A 106 12.48 27.76 16.56
C PRO A 106 12.42 26.32 16.01
N SER A 107 11.22 25.82 15.70
CA SER A 107 11.02 24.49 15.07
C SER A 107 11.50 24.53 13.61
N PHE A 108 11.87 25.70 13.08
CA PHE A 108 12.44 25.85 11.72
C PHE A 108 13.84 26.48 11.76
N SER A 109 14.55 26.39 12.88
CA SER A 109 15.96 26.84 12.98
C SER A 109 16.86 25.87 12.17
N GLN A 110 18.08 26.30 11.85
CA GLN A 110 19.11 25.42 11.23
C GLN A 110 19.24 24.15 12.09
N GLN A 111 19.33 24.29 13.41
CA GLN A 111 19.50 23.14 14.34
C GLN A 111 18.30 22.19 14.19
N ALA A 112 17.09 22.74 14.13
CA ALA A 112 15.85 21.94 13.94
C ALA A 112 15.92 21.21 12.59
N MET A 113 16.34 21.89 11.53
CA MET A 113 16.39 21.28 10.17
C MET A 113 17.39 20.12 10.18
N LYS A 114 18.52 20.26 10.84
CA LYS A 114 19.51 19.17 10.93
C LYS A 114 18.85 17.96 11.61
N GLY A 115 18.00 18.22 12.61
CA GLY A 115 17.27 17.19 13.37
C GLY A 115 16.20 16.51 12.54
N TYR A 116 15.60 17.20 11.57
CA TYR A 116 14.53 16.64 10.72
C TYR A 116 15.13 15.77 9.61
N HIS A 117 16.36 16.06 9.22
CA HIS A 117 17.00 15.48 8.01
C HIS A 117 16.83 13.94 7.99
N ALA A 118 17.19 13.23 9.05
CA ALA A 118 17.17 11.75 9.05
C ALA A 118 15.75 11.23 8.75
N MET A 119 14.71 11.86 9.30
N MET A 119 14.73 11.88 9.32
CA MET A 119 13.32 11.43 9.06
CA MET A 119 13.30 11.53 9.10
C MET A 119 12.91 11.78 7.62
C MET A 119 12.94 11.77 7.63
N MET A 120 13.40 12.89 7.05
CA MET A 120 13.12 13.18 5.62
C MET A 120 13.75 12.06 4.78
N VAL A 121 14.95 11.63 5.13
CA VAL A 121 15.65 10.55 4.39
C VAL A 121 14.84 9.26 4.50
N ASP A 122 14.27 8.95 5.67
CA ASP A 122 13.45 7.74 5.89
C ASP A 122 12.37 7.69 4.79
N ILE A 123 11.64 8.79 4.60
CA ILE A 123 10.50 8.79 3.64
C ILE A 123 11.02 8.80 2.20
N ALA A 124 12.08 9.56 1.90
CA ALA A 124 12.68 9.64 0.54
C ALA A 124 13.11 8.24 0.10
N VAL A 125 13.72 7.50 1.03
CA VAL A 125 14.19 6.11 0.74
C VAL A 125 12.96 5.25 0.43
N GLN A 126 11.86 5.43 1.15
CA GLN A 126 10.62 4.65 0.83
C GLN A 126 10.18 4.97 -0.61
N LEU A 127 10.26 6.24 -1.04
CA LEU A 127 9.88 6.60 -2.42
C LEU A 127 10.81 5.90 -3.41
N VAL A 128 12.12 6.01 -3.21
CA VAL A 128 13.12 5.42 -4.14
C VAL A 128 12.88 3.90 -4.22
N GLN A 129 12.66 3.23 -3.08
N GLN A 129 12.66 3.25 -3.07
CA GLN A 129 12.44 1.77 -3.06
CA GLN A 129 12.45 1.77 -3.02
C GLN A 129 11.15 1.44 -3.83
C GLN A 129 11.15 1.41 -3.76
N LYS A 130 10.10 2.22 -3.64
CA LYS A 130 8.84 1.96 -4.38
C LYS A 130 9.16 1.94 -5.87
N TRP A 131 9.88 2.94 -6.37
CA TRP A 131 10.16 3.05 -7.83
C TRP A 131 11.16 1.99 -8.28
N GLU A 132 12.11 1.61 -7.42
CA GLU A 132 13.06 0.50 -7.74
C GLU A 132 12.28 -0.80 -7.94
N ARG A 133 11.13 -0.94 -7.28
CA ARG A 133 10.40 -2.23 -7.21
C ARG A 133 9.32 -2.32 -8.29
N LEU A 134 9.12 -1.30 -9.12
CA LEU A 134 8.11 -1.38 -10.20
C LEU A 134 8.62 -2.35 -11.27
N ASN A 135 7.70 -3.03 -11.93
CA ASN A 135 8.01 -3.95 -13.05
C ASN A 135 8.25 -3.10 -14.30
N ALA A 136 8.74 -3.80 -15.34
N ALA A 136 9.01 -3.62 -15.27
CA ALA A 136 8.96 -3.34 -16.72
CA ALA A 136 9.63 -2.85 -16.37
C ALA A 136 7.72 -2.62 -17.23
C ALA A 136 8.58 -2.00 -17.11
N ASP A 137 7.89 -1.35 -17.61
N ASP A 137 7.34 -2.51 -17.26
CA ASP A 137 6.85 -0.54 -18.29
CA ASP A 137 6.27 -1.88 -18.09
C ASP A 137 5.65 -0.32 -17.35
C ASP A 137 5.37 -0.96 -17.26
N GLU A 138 5.77 -0.59 -16.05
CA GLU A 138 4.85 0.09 -15.10
C GLU A 138 5.28 1.56 -15.08
N HIS A 139 4.36 2.44 -14.75
CA HIS A 139 4.63 3.89 -14.68
C HIS A 139 4.43 4.39 -13.27
N ILE A 140 4.87 5.62 -13.06
CA ILE A 140 4.69 6.38 -11.80
C ILE A 140 3.55 7.38 -12.00
N GLU A 141 2.66 7.43 -11.03
CA GLU A 141 1.64 8.49 -10.86
C GLU A 141 2.29 9.58 -10.02
N VAL A 142 2.80 10.61 -10.69
CA VAL A 142 3.75 11.55 -10.05
C VAL A 142 3.07 12.30 -8.90
N PRO A 143 2.01 13.10 -9.10
CA PRO A 143 1.44 13.85 -7.99
C PRO A 143 0.97 12.94 -6.84
N GLU A 144 0.47 11.76 -7.16
CA GLU A 144 0.01 10.77 -6.16
C GLU A 144 1.20 10.39 -5.27
N ASP A 145 2.34 10.03 -5.87
CA ASP A 145 3.53 9.61 -5.10
C ASP A 145 4.16 10.81 -4.37
N MET A 146 4.13 12.00 -4.97
N MET A 146 4.13 12.00 -4.97
CA MET A 146 4.70 13.18 -4.28
CA MET A 146 4.69 13.20 -4.29
C MET A 146 3.83 13.50 -3.06
C MET A 146 3.83 13.53 -3.06
N THR A 147 2.52 13.32 -3.12
CA THR A 147 1.61 13.54 -1.97
C THR A 147 1.89 12.50 -0.87
N ARG A 148 2.10 11.23 -1.23
CA ARG A 148 2.51 10.19 -0.26
C ARG A 148 3.77 10.66 0.46
N LEU A 149 4.77 11.10 -0.30
CA LEU A 149 6.05 11.52 0.32
C LEU A 149 5.87 12.75 1.21
N THR A 150 5.19 13.80 0.75
CA THR A 150 5.21 15.07 1.51
C THR A 150 4.31 14.93 2.74
N LEU A 151 3.19 14.22 2.62
CA LEU A 151 2.35 13.99 3.81
C LEU A 151 3.16 13.20 4.84
N ASP A 152 3.83 12.13 4.41
CA ASP A 152 4.56 11.28 5.37
C ASP A 152 5.68 12.10 6.01
N THR A 153 6.33 12.97 5.24
CA THR A 153 7.46 13.77 5.76
C THR A 153 6.95 14.72 6.85
N ILE A 154 5.88 15.46 6.62
CA ILE A 154 5.43 16.40 7.69
C ILE A 154 4.90 15.59 8.87
N GLY A 155 4.27 14.42 8.63
CA GLY A 155 3.76 13.59 9.73
C GLY A 155 4.90 13.13 10.62
N LEU A 156 5.98 12.64 10.01
CA LEU A 156 7.10 12.03 10.77
C LEU A 156 7.97 13.12 11.40
N CYS A 157 8.41 14.10 10.61
CA CYS A 157 9.28 15.20 11.12
C CYS A 157 8.52 16.04 12.13
N GLY A 158 7.25 16.37 11.84
CA GLY A 158 6.51 17.33 12.65
C GLY A 158 5.99 16.68 13.92
N PHE A 159 5.52 15.43 13.84
CA PHE A 159 4.60 14.85 14.85
C PHE A 159 5.01 13.44 15.26
N ASN A 160 6.12 12.93 14.73
CA ASN A 160 6.57 11.54 15.00
C ASN A 160 5.39 10.59 14.76
N TYR A 161 4.64 10.81 13.69
CA TYR A 161 3.47 9.97 13.33
C TYR A 161 3.69 9.44 11.91
N ARG A 162 3.49 8.14 11.71
CA ARG A 162 3.65 7.51 10.38
C ARG A 162 2.28 7.36 9.71
N PHE A 163 2.07 8.12 8.65
CA PHE A 163 0.86 7.98 7.81
C PHE A 163 0.97 6.70 6.98
N ASN A 164 2.19 6.21 6.76
CA ASN A 164 2.46 4.95 6.01
C ASN A 164 1.76 5.02 4.64
N SER A 165 1.90 6.16 3.96
CA SER A 165 1.21 6.41 2.69
C SER A 165 1.72 5.45 1.61
N PHE A 166 2.97 4.98 1.68
CA PHE A 166 3.54 4.05 0.66
C PHE A 166 3.03 2.63 0.90
N TYR A 167 2.28 2.39 1.97
CA TYR A 167 1.62 1.09 2.24
C TYR A 167 0.17 1.09 1.73
N ARG A 168 -0.24 2.16 1.05
N ARG A 168 -0.24 2.15 1.03
CA ARG A 168 -1.63 2.36 0.56
CA ARG A 168 -1.65 2.35 0.58
C ARG A 168 -1.63 2.52 -0.97
C ARG A 168 -1.70 2.61 -0.94
N ASP A 169 -2.60 1.90 -1.64
CA ASP A 169 -2.87 2.12 -3.09
C ASP A 169 -3.92 3.23 -3.22
N GLN A 170 -4.72 3.48 -2.19
CA GLN A 170 -5.71 4.59 -2.16
C GLN A 170 -5.15 5.71 -1.29
N PRO A 171 -5.58 6.97 -1.48
CA PRO A 171 -5.19 8.05 -0.57
C PRO A 171 -5.52 7.73 0.88
N HIS A 172 -4.64 8.15 1.80
CA HIS A 172 -4.92 8.13 3.25
C HIS A 172 -6.27 8.86 3.43
N PRO A 173 -7.19 8.35 4.28
CA PRO A 173 -8.48 9.02 4.52
C PRO A 173 -8.38 10.51 4.85
N PHE A 174 -7.34 10.91 5.60
CA PHE A 174 -7.02 12.33 5.86
C PHE A 174 -7.02 13.10 4.54
N ILE A 175 -6.29 12.57 3.54
CA ILE A 175 -6.10 13.23 2.22
C ILE A 175 -7.44 13.34 1.48
N THR A 176 -8.23 12.26 1.42
CA THR A 176 -9.53 12.23 0.72
C THR A 176 -10.40 13.37 1.30
N SER A 177 -10.48 13.45 2.63
CA SER A 177 -11.28 14.46 3.34
C SER A 177 -10.69 15.87 3.10
N MET A 178 -9.37 16.02 3.15
CA MET A 178 -8.72 17.33 3.04
C MET A 178 -8.97 17.84 1.62
N VAL A 179 -8.80 16.96 0.63
CA VAL A 179 -8.98 17.37 -0.79
C VAL A 179 -10.44 17.82 -0.98
N ARG A 180 -11.38 17.07 -0.43
CA ARG A 180 -12.83 17.33 -0.63
C ARG A 180 -13.19 18.64 0.09
N ALA A 181 -12.55 18.93 1.24
CA ALA A 181 -12.74 20.19 2.00
C ALA A 181 -12.25 21.36 1.16
N LEU A 182 -11.06 21.22 0.57
CA LEU A 182 -10.47 22.31 -0.25
C LEU A 182 -11.31 22.51 -1.52
N ASP A 183 -11.76 21.44 -2.16
N ASP A 183 -11.72 21.40 -2.16
CA ASP A 183 -12.60 21.56 -3.38
CA ASP A 183 -12.64 21.36 -3.33
C ASP A 183 -13.90 22.26 -3.00
C ASP A 183 -13.89 22.18 -3.02
N GLU A 184 -14.46 21.93 -1.84
CA GLU A 184 -15.71 22.57 -1.35
C GLU A 184 -15.43 24.07 -1.14
N ALA A 185 -14.32 24.42 -0.50
CA ALA A 185 -13.98 25.83 -0.22
C ALA A 185 -13.84 26.55 -1.57
N MET A 186 -13.19 25.92 -2.55
CA MET A 186 -13.02 26.57 -3.87
C MET A 186 -14.39 26.74 -4.56
N ASN A 187 -15.19 25.67 -4.58
N ASN A 187 -15.20 25.68 -4.56
CA ASN A 187 -16.51 25.67 -5.26
CA ASN A 187 -16.51 25.66 -5.25
C ASN A 187 -17.41 26.73 -4.60
C ASN A 187 -17.47 26.66 -4.59
N LYS A 188 -17.32 26.88 -3.27
CA LYS A 188 -18.19 27.82 -2.51
C LYS A 188 -17.89 29.29 -2.88
N LEU A 189 -16.71 29.60 -3.43
CA LEU A 189 -16.32 30.99 -3.81
C LEU A 189 -17.35 31.57 -4.77
N GLN A 190 -17.90 30.77 -5.68
CA GLN A 190 -18.79 31.23 -6.76
C GLN A 190 -20.24 31.35 -6.30
N ARG A 191 -20.59 30.91 -5.08
CA ARG A 191 -22.02 30.82 -4.63
C ARG A 191 -22.52 32.17 -4.10
N ALA A 192 -23.48 32.79 -4.80
CA ALA A 192 -24.12 34.06 -4.38
C ALA A 192 -25.00 33.82 -3.15
N ASN A 193 -25.69 32.66 -3.09
CA ASN A 193 -26.63 32.30 -2.00
C ASN A 193 -26.13 31.02 -1.32
N PRO A 194 -25.05 31.08 -0.50
CA PRO A 194 -24.47 29.86 0.08
C PRO A 194 -25.41 29.11 1.04
N ASP A 195 -26.45 29.79 1.55
CA ASP A 195 -27.39 29.20 2.55
C ASP A 195 -28.64 28.65 1.85
N ASP A 196 -28.65 28.60 0.51
CA ASP A 196 -29.69 27.91 -0.28
C ASP A 196 -29.69 26.43 0.10
N PRO A 197 -30.84 25.81 0.46
CA PRO A 197 -30.88 24.39 0.82
C PRO A 197 -30.27 23.42 -0.23
N ALA A 198 -30.13 23.85 -1.49
CA ALA A 198 -29.43 23.09 -2.55
C ALA A 198 -28.01 22.69 -2.09
N TYR A 199 -27.40 23.42 -1.14
CA TYR A 199 -26.01 23.12 -0.67
C TYR A 199 -26.03 22.45 0.72
N ASP A 200 -27.18 21.95 1.17
CA ASP A 200 -27.30 21.25 2.48
C ASP A 200 -26.39 20.01 2.49
N GLU A 201 -26.34 19.28 1.37
CA GLU A 201 -25.51 18.06 1.21
C GLU A 201 -24.02 18.46 1.21
N ASN A 202 -23.67 19.56 0.53
CA ASN A 202 -22.29 20.09 0.52
C ASN A 202 -21.86 20.39 1.95
N LYS A 203 -22.75 20.98 2.76
CA LYS A 203 -22.44 21.39 4.16
C LYS A 203 -22.27 20.15 5.03
N ARG A 204 -23.12 19.13 4.84
CA ARG A 204 -23.04 17.85 5.58
C ARG A 204 -21.67 17.19 5.28
N GLN A 205 -21.33 17.08 3.99
CA GLN A 205 -20.05 16.46 3.54
C GLN A 205 -18.88 17.25 4.13
N PHE A 206 -18.95 18.58 4.09
CA PHE A 206 -17.89 19.46 4.65
C PHE A 206 -17.66 19.15 6.14
N GLN A 207 -18.74 19.13 6.93
CA GLN A 207 -18.65 18.86 8.39
C GLN A 207 -18.06 17.46 8.59
N GLU A 208 -18.42 16.50 7.75
CA GLU A 208 -17.91 15.09 7.82
C GLU A 208 -16.39 15.11 7.58
N ASP A 209 -15.95 15.83 6.55
CA ASP A 209 -14.51 15.93 6.20
C ASP A 209 -13.73 16.60 7.34
N ILE A 210 -14.33 17.60 7.98
CA ILE A 210 -13.69 18.30 9.14
C ILE A 210 -13.51 17.32 10.29
N LYS A 211 -14.50 16.49 10.55
CA LYS A 211 -14.45 15.52 11.68
C LYS A 211 -13.36 14.48 11.37
N VAL A 212 -13.25 14.03 10.11
CA VAL A 212 -12.19 13.07 9.70
C VAL A 212 -10.82 13.68 10.03
N MET A 213 -10.62 14.97 9.72
N MET A 213 -10.58 14.95 9.66
CA MET A 213 -9.31 15.64 9.94
CA MET A 213 -9.30 15.65 9.98
C MET A 213 -9.07 15.82 11.45
C MET A 213 -9.10 15.63 11.50
N ASN A 214 -10.12 16.11 12.23
CA ASN A 214 -10.01 16.30 13.70
C ASN A 214 -9.79 14.94 14.39
N ASP A 215 -10.37 13.86 13.85
CA ASP A 215 -10.16 12.50 14.41
C ASP A 215 -8.66 12.17 14.31
N LEU A 216 -8.02 12.46 13.18
CA LEU A 216 -6.58 12.20 12.97
C LEU A 216 -5.77 13.06 13.96
N VAL A 217 -6.09 14.34 14.10
CA VAL A 217 -5.41 15.23 15.09
C VAL A 217 -5.55 14.64 16.50
N ASP A 218 -6.76 14.18 16.87
CA ASP A 218 -7.00 13.50 18.18
C ASP A 218 -5.90 12.44 18.37
N LYS A 219 -5.77 11.53 17.40
CA LYS A 219 -4.85 10.35 17.45
C LYS A 219 -3.40 10.81 17.60
N ILE A 220 -2.98 11.83 16.84
CA ILE A 220 -1.58 12.35 16.93
C ILE A 220 -1.34 12.87 18.35
N ILE A 221 -2.30 13.61 18.90
CA ILE A 221 -2.16 14.22 20.26
C ILE A 221 -2.12 13.08 21.29
N ALA A 222 -2.96 12.04 21.12
CA ALA A 222 -3.01 10.85 22.01
C ALA A 222 -1.68 10.08 21.97
N ASP A 223 -1.18 9.79 20.75
N ASP A 223 -1.18 9.74 20.78
CA ASP A 223 0.08 9.05 20.42
CA ASP A 223 0.08 8.98 20.64
C ASP A 223 1.27 9.72 21.12
C ASP A 223 1.21 9.73 21.35
N ARG A 224 1.27 11.06 21.20
CA ARG A 224 2.34 11.86 21.87
C ARG A 224 2.14 11.84 23.39
N LYS A 225 0.92 12.12 23.88
CA LYS A 225 0.58 12.15 25.34
C LYS A 225 1.16 10.93 26.05
N ALA A 226 0.95 9.74 25.45
CA ALA A 226 1.22 8.42 26.07
C ALA A 226 2.57 7.85 25.59
N SER A 227 3.26 8.52 24.66
CA SER A 227 4.52 8.05 24.04
C SER A 227 5.55 7.73 25.13
N GLY A 228 5.74 8.66 26.09
CA GLY A 228 6.77 8.55 27.14
C GLY A 228 8.15 8.43 26.55
N GLU A 229 8.41 9.15 25.45
CA GLU A 229 9.71 9.21 24.72
C GLU A 229 10.03 10.68 24.46
N GLN A 230 11.32 11.00 24.32
CA GLN A 230 11.82 12.38 24.11
C GLN A 230 11.87 12.67 22.61
N SER A 231 10.82 13.31 22.09
CA SER A 231 10.82 14.03 20.79
C SER A 231 11.17 15.49 21.07
N ASP A 232 11.94 16.13 20.19
CA ASP A 232 12.11 17.61 20.17
C ASP A 232 11.74 18.10 18.77
N ASP A 233 10.44 18.01 18.46
CA ASP A 233 9.90 18.29 17.10
C ASP A 233 8.87 19.43 17.18
N LEU A 234 8.17 19.68 16.08
CA LEU A 234 7.12 20.72 16.00
C LEU A 234 6.05 20.49 17.08
N LEU A 235 5.56 19.27 17.24
CA LEU A 235 4.53 18.99 18.28
C LEU A 235 5.09 19.26 19.70
N THR A 236 6.36 18.95 19.95
CA THR A 236 6.99 19.27 21.26
C THR A 236 6.85 20.78 21.53
N HIS A 237 7.20 21.62 20.57
CA HIS A 237 7.11 23.10 20.73
C HIS A 237 5.65 23.50 20.96
N MET A 238 4.70 22.96 20.20
CA MET A 238 3.25 23.30 20.35
C MET A 238 2.83 23.00 21.80
N LEU A 239 3.23 21.84 22.37
CA LEU A 239 2.70 21.37 23.67
C LEU A 239 3.46 22.04 24.82
N ASN A 240 4.75 22.35 24.64
CA ASN A 240 5.66 22.75 25.75
C ASN A 240 6.23 24.17 25.58
N GLY A 241 6.29 24.70 24.36
CA GLY A 241 6.97 25.97 24.09
C GLY A 241 6.25 27.14 24.73
N LYS A 242 6.97 28.16 25.18
CA LYS A 242 6.35 29.36 25.77
C LYS A 242 6.75 30.59 24.97
N ASP A 243 5.79 31.48 24.73
CA ASP A 243 6.00 32.75 24.00
C ASP A 243 6.96 33.60 24.83
N PRO A 244 8.19 33.90 24.37
CA PRO A 244 9.10 34.74 25.16
C PRO A 244 8.44 36.07 25.56
N GLU A 245 7.51 36.60 24.75
CA GLU A 245 6.78 37.87 24.99
C GLU A 245 5.75 37.71 26.11
N THR A 246 4.67 36.96 25.89
CA THR A 246 3.51 36.82 26.82
C THR A 246 3.85 35.81 27.94
N GLY A 247 4.90 34.99 27.79
CA GLY A 247 5.30 33.95 28.76
C GLY A 247 4.38 32.72 28.72
N GLU A 248 3.31 32.78 27.91
CA GLU A 248 2.20 31.79 27.85
C GLU A 248 2.51 30.70 26.82
N PRO A 249 1.97 29.47 27.01
CA PRO A 249 2.01 28.43 25.98
C PRO A 249 0.75 28.54 25.12
N LEU A 250 0.68 27.83 24.00
CA LEU A 250 -0.58 27.73 23.21
C LEU A 250 -1.58 26.91 24.00
N ASP A 251 -2.88 27.24 23.91
CA ASP A 251 -3.95 26.43 24.53
C ASP A 251 -4.32 25.29 23.58
N ASP A 252 -5.07 24.31 24.09
CA ASP A 252 -5.41 23.05 23.38
C ASP A 252 -6.16 23.37 22.09
N GLU A 253 -7.10 24.33 22.10
CA GLU A 253 -7.90 24.67 20.89
C GLU A 253 -6.94 25.16 19.78
N ASN A 254 -6.01 26.05 20.11
CA ASN A 254 -5.09 26.61 19.09
C ASN A 254 -4.12 25.51 18.61
N ILE A 255 -3.60 24.67 19.50
CA ILE A 255 -2.73 23.52 19.10
C ILE A 255 -3.45 22.68 18.04
N ARG A 256 -4.73 22.32 18.25
CA ARG A 256 -5.48 21.47 17.27
C ARG A 256 -5.48 22.18 15.91
N TYR A 257 -5.70 23.49 15.89
CA TYR A 257 -5.71 24.26 14.62
C TYR A 257 -4.32 24.24 13.97
N GLN A 258 -3.25 24.35 14.76
CA GLN A 258 -1.87 24.37 14.22
C GLN A 258 -1.59 22.99 13.59
N ILE A 259 -2.01 21.91 14.23
CA ILE A 259 -1.70 20.56 13.69
C ILE A 259 -2.39 20.42 12.33
N ILE A 260 -3.68 20.76 12.24
CA ILE A 260 -4.44 20.70 10.96
C ILE A 260 -3.69 21.57 9.95
N THR A 261 -3.33 22.78 10.34
CA THR A 261 -2.67 23.75 9.43
C THR A 261 -1.38 23.18 8.89
N PHE A 262 -0.48 22.70 9.77
CA PHE A 262 0.84 22.20 9.33
C PHE A 262 0.68 20.92 8.52
N LEU A 263 -0.31 20.06 8.81
CA LEU A 263 -0.50 18.82 8.01
C LEU A 263 -0.93 19.19 6.59
N ILE A 264 -1.81 20.17 6.43
CA ILE A 264 -2.30 20.60 5.10
C ILE A 264 -1.23 21.42 4.39
N ALA A 265 -0.78 22.52 5.00
CA ALA A 265 0.18 23.49 4.42
C ALA A 265 1.54 22.84 4.30
N GLY A 266 1.84 21.92 5.20
CA GLY A 266 3.16 21.27 5.31
C GLY A 266 3.36 20.21 4.26
N HIS A 267 2.35 19.88 3.45
CA HIS A 267 2.51 18.87 2.37
C HIS A 267 1.87 19.25 1.03
N GLU A 268 0.69 19.88 0.99
CA GLU A 268 -0.08 20.06 -0.27
C GLU A 268 0.79 20.82 -1.28
N THR A 269 1.39 21.91 -0.84
CA THR A 269 2.16 22.81 -1.74
C THR A 269 3.48 22.14 -2.12
N THR A 270 4.13 21.42 -1.22
CA THR A 270 5.44 20.77 -1.51
C THR A 270 5.20 19.66 -2.53
N SER A 271 4.08 18.92 -2.45
N SER A 271 4.10 18.92 -2.42
CA SER A 271 3.79 17.85 -3.44
CA SER A 271 3.71 17.87 -3.40
C SER A 271 3.58 18.47 -4.83
C SER A 271 3.62 18.50 -4.80
N GLY A 272 2.90 19.62 -4.90
CA GLY A 272 2.76 20.37 -6.16
C GLY A 272 4.11 20.77 -6.71
N LEU A 273 4.98 21.30 -5.85
CA LEU A 273 6.31 21.80 -6.29
C LEU A 273 7.08 20.64 -6.91
N LEU A 274 7.10 19.50 -6.21
CA LEU A 274 7.93 18.37 -6.69
C LEU A 274 7.34 17.89 -8.04
N SER A 275 6.01 17.83 -8.15
CA SER A 275 5.30 17.38 -9.38
C SER A 275 5.64 18.33 -10.53
N PHE A 276 5.54 19.63 -10.30
CA PHE A 276 5.87 20.61 -11.37
C PHE A 276 7.36 20.54 -11.70
N ALA A 277 8.22 20.35 -10.70
CA ALA A 277 9.69 20.30 -10.93
C ALA A 277 9.99 19.12 -11.84
N LEU A 278 9.43 17.94 -11.55
CA LEU A 278 9.73 16.76 -12.39
C LEU A 278 9.15 16.98 -13.79
N TYR A 279 7.96 17.55 -13.88
CA TYR A 279 7.34 17.92 -15.18
C TYR A 279 8.33 18.77 -15.98
N PHE A 280 8.81 19.88 -15.42
CA PHE A 280 9.73 20.76 -16.18
C PHE A 280 11.01 20.01 -16.54
N LEU A 281 11.53 19.18 -15.64
CA LEU A 281 12.79 18.44 -15.91
C LEU A 281 12.59 17.50 -17.10
N VAL A 282 11.48 16.74 -17.17
CA VAL A 282 11.33 15.79 -18.32
C VAL A 282 10.99 16.57 -19.61
N LYS A 283 10.42 17.76 -19.51
CA LYS A 283 10.15 18.61 -20.71
C LYS A 283 11.40 19.40 -21.11
N ASN A 284 12.47 19.41 -20.30
CA ASN A 284 13.69 20.21 -20.58
C ASN A 284 14.91 19.34 -20.35
N PRO A 285 15.17 18.35 -21.23
CA PRO A 285 16.23 17.36 -21.01
C PRO A 285 17.63 17.90 -20.70
N HIS A 286 17.99 19.05 -21.26
N HIS A 286 17.97 19.05 -21.27
CA HIS A 286 19.28 19.74 -21.01
CA HIS A 286 19.28 19.73 -21.04
C HIS A 286 19.34 20.11 -19.52
C HIS A 286 19.35 20.17 -19.57
N VAL A 287 18.23 20.61 -18.98
CA VAL A 287 18.15 21.01 -17.55
C VAL A 287 18.26 19.74 -16.69
N LEU A 288 17.53 18.68 -17.05
CA LEU A 288 17.55 17.40 -16.30
C LEU A 288 18.99 16.88 -16.22
N GLN A 289 19.71 16.87 -17.35
CA GLN A 289 21.12 16.39 -17.41
C GLN A 289 21.98 17.16 -16.40
N LYS A 290 21.83 18.50 -16.36
CA LYS A 290 22.67 19.35 -15.48
C LYS A 290 22.36 19.03 -14.01
N ALA A 291 21.08 18.89 -13.67
CA ALA A 291 20.63 18.60 -12.29
C ALA A 291 21.11 17.19 -11.89
N ALA A 292 21.01 16.23 -12.81
CA ALA A 292 21.45 14.83 -12.57
C ALA A 292 22.97 14.78 -12.36
N GLU A 293 23.74 15.57 -13.11
CA GLU A 293 25.22 15.62 -12.96
C GLU A 293 25.55 16.14 -11.57
N GLU A 294 24.82 17.16 -11.10
CA GLU A 294 25.05 17.72 -9.75
C GLU A 294 24.74 16.65 -8.72
N ALA A 295 23.59 15.99 -8.85
CA ALA A 295 23.15 14.94 -7.91
C ALA A 295 24.22 13.84 -7.82
N ALA A 296 24.73 13.40 -8.96
CA ALA A 296 25.77 12.34 -9.02
C ALA A 296 27.06 12.82 -8.33
N ARG A 297 27.46 14.07 -8.55
CA ARG A 297 28.75 14.58 -8.02
C ARG A 297 28.67 14.77 -6.51
N VAL A 298 27.51 15.23 -6.00
CA VAL A 298 27.34 15.66 -4.58
C VAL A 298 26.93 14.48 -3.71
N LEU A 299 25.95 13.69 -4.16
CA LEU A 299 25.33 12.62 -3.33
C LEU A 299 26.18 11.35 -3.49
N VAL A 300 27.35 11.35 -2.86
CA VAL A 300 28.38 10.28 -3.03
C VAL A 300 28.16 9.14 -2.03
N ASP A 301 27.22 9.29 -1.09
CA ASP A 301 26.94 8.27 -0.04
C ASP A 301 25.56 7.66 -0.28
N PRO A 302 25.34 6.39 0.12
CA PRO A 302 24.02 5.78 -0.05
C PRO A 302 22.91 6.59 0.64
N VAL A 303 23.21 7.18 1.79
CA VAL A 303 22.29 8.03 2.60
C VAL A 303 22.76 9.47 2.45
N PRO A 304 21.99 10.39 1.84
CA PRO A 304 22.40 11.80 1.76
C PRO A 304 22.45 12.44 3.15
N SER A 305 23.46 13.29 3.37
CA SER A 305 23.61 14.07 4.62
C SER A 305 23.01 15.47 4.41
N TYR A 306 22.72 16.13 5.54
CA TYR A 306 22.27 17.54 5.58
C TYR A 306 23.24 18.42 4.78
N LYS A 307 24.53 18.29 5.04
CA LYS A 307 25.59 19.08 4.38
C LYS A 307 25.51 18.87 2.86
N GLN A 308 25.29 17.64 2.41
CA GLN A 308 25.28 17.35 0.94
C GLN A 308 24.07 18.03 0.29
N VAL A 309 22.92 17.99 0.93
CA VAL A 309 21.70 18.61 0.35
C VAL A 309 21.93 20.11 0.19
N LYS A 310 22.62 20.74 1.14
CA LYS A 310 22.97 22.18 1.08
C LYS A 310 23.85 22.45 -0.14
N GLN A 311 24.58 21.45 -0.66
CA GLN A 311 25.48 21.66 -1.84
C GLN A 311 24.76 21.38 -3.16
N LEU A 312 23.47 21.01 -3.15
CA LEU A 312 22.70 20.78 -4.39
C LEU A 312 22.16 22.15 -4.88
N LYS A 313 23.08 23.04 -5.25
CA LYS A 313 22.74 24.46 -5.56
C LYS A 313 21.88 24.51 -6.83
N TYR A 314 22.23 23.74 -7.86
CA TYR A 314 21.47 23.74 -9.13
C TYR A 314 20.08 23.14 -8.93
N VAL A 315 19.97 22.08 -8.13
CA VAL A 315 18.62 21.51 -7.82
C VAL A 315 17.79 22.58 -7.13
N GLY A 316 18.39 23.37 -6.23
CA GLY A 316 17.71 24.51 -5.59
C GLY A 316 17.19 25.52 -6.63
N MET A 317 17.96 25.82 -7.67
CA MET A 317 17.55 26.76 -8.74
C MET A 317 16.42 26.13 -9.57
N VAL A 318 16.46 24.82 -9.83
CA VAL A 318 15.37 24.11 -10.53
C VAL A 318 14.07 24.30 -9.73
N LEU A 319 14.13 24.14 -8.41
CA LEU A 319 12.91 24.28 -7.58
C LEU A 319 12.42 25.73 -7.60
N ASN A 320 13.31 26.71 -7.55
CA ASN A 320 12.86 28.12 -7.61
C ASN A 320 12.21 28.40 -8.97
N GLU A 321 12.73 27.85 -10.07
CA GLU A 321 12.19 28.11 -11.43
C GLU A 321 10.82 27.44 -11.58
N ALA A 322 10.61 26.27 -10.98
CA ALA A 322 9.28 25.62 -10.96
C ALA A 322 8.30 26.48 -10.14
N LEU A 323 8.75 27.06 -9.02
CA LEU A 323 7.89 27.98 -8.22
C LEU A 323 7.65 29.28 -8.98
N ARG A 324 8.57 29.69 -9.85
CA ARG A 324 8.31 30.89 -10.65
C ARG A 324 7.13 30.60 -11.58
N LEU A 325 7.18 29.51 -12.36
CA LEU A 325 6.12 29.30 -13.37
C LEU A 325 4.81 28.84 -12.72
N TRP A 326 4.85 27.97 -11.72
CA TRP A 326 3.60 27.48 -11.07
C TRP A 326 3.77 27.47 -9.57
N PRO A 327 3.69 28.66 -8.94
CA PRO A 327 3.68 28.76 -7.48
C PRO A 327 2.43 28.04 -6.96
N THR A 328 2.61 27.05 -6.09
CA THR A 328 1.54 26.07 -5.78
C THR A 328 0.52 26.65 -4.78
N ALA A 329 0.87 27.69 -4.01
CA ALA A 329 -0.10 28.53 -3.28
C ALA A 329 -0.23 29.82 -4.08
N PRO A 330 -1.15 29.90 -5.06
CA PRO A 330 -0.95 30.84 -6.17
C PRO A 330 -1.40 32.28 -5.96
N ALA A 331 -1.87 32.60 -4.77
CA ALA A 331 -2.28 33.98 -4.46
C ALA A 331 -2.20 34.21 -2.95
N PHE A 332 -2.02 35.47 -2.61
CA PHE A 332 -2.24 35.96 -1.23
C PHE A 332 -2.92 37.31 -1.30
N SER A 333 -3.53 37.66 -0.19
CA SER A 333 -4.44 38.83 -0.13
C SER A 333 -3.87 39.81 0.89
N LEU A 334 -4.09 41.08 0.60
CA LEU A 334 -3.62 42.19 1.44
C LEU A 334 -4.77 43.18 1.65
N TYR A 335 -4.73 43.93 2.73
CA TYR A 335 -5.64 45.11 2.91
C TYR A 335 -4.81 46.35 3.24
N ALA A 336 -5.31 47.50 2.80
CA ALA A 336 -4.67 48.81 3.08
C ALA A 336 -4.85 49.16 4.56
N LYS A 337 -3.75 49.41 5.26
CA LYS A 337 -3.81 49.78 6.71
C LYS A 337 -4.30 51.22 6.87
N GLU A 338 -4.08 52.05 5.85
N GLU A 338 -4.06 52.05 5.84
CA GLU A 338 -4.52 53.47 5.82
CA GLU A 338 -4.35 53.51 5.80
C GLU A 338 -4.74 53.87 4.35
C GLU A 338 -4.75 53.86 4.36
N ASP A 339 -5.42 54.98 4.14
CA ASP A 339 -5.58 55.55 2.77
C ASP A 339 -4.17 55.65 2.17
N THR A 340 -4.02 55.22 0.92
CA THR A 340 -2.72 55.26 0.23
C THR A 340 -2.96 55.23 -1.27
N VAL A 341 -1.93 55.53 -2.04
CA VAL A 341 -1.99 55.54 -3.52
C VAL A 341 -1.01 54.48 -4.01
N LEU A 342 -1.50 53.59 -4.87
CA LEU A 342 -0.69 52.52 -5.46
C LEU A 342 -0.15 52.99 -6.81
N GLY A 343 1.17 52.97 -7.01
CA GLY A 343 1.81 53.21 -8.33
C GLY A 343 1.58 54.64 -8.81
N GLY A 344 1.29 55.57 -7.88
CA GLY A 344 1.00 56.97 -8.19
C GLY A 344 -0.29 57.18 -8.97
N GLU A 345 -1.11 56.13 -9.14
CA GLU A 345 -2.25 56.11 -10.09
C GLU A 345 -3.53 55.61 -9.42
N TYR A 346 -3.46 54.73 -8.41
CA TYR A 346 -4.67 54.00 -7.94
C TYR A 346 -4.89 54.30 -6.47
N PRO A 347 -5.77 55.27 -6.15
CA PRO A 347 -6.03 55.63 -4.76
C PRO A 347 -6.82 54.48 -4.09
N LEU A 348 -6.36 54.12 -2.90
CA LEU A 348 -7.02 53.12 -2.05
C LEU A 348 -7.41 53.78 -0.74
N GLU A 349 -8.55 53.35 -0.21
CA GLU A 349 -9.00 53.75 1.13
C GLU A 349 -8.59 52.67 2.13
N LYS A 350 -8.39 53.07 3.37
CA LYS A 350 -8.21 52.13 4.50
C LYS A 350 -9.19 50.97 4.37
N GLY A 351 -8.68 49.75 4.45
CA GLY A 351 -9.50 48.53 4.43
C GLY A 351 -9.66 47.94 3.04
N ASP A 352 -9.32 48.69 1.99
CA ASP A 352 -9.41 48.17 0.61
C ASP A 352 -8.51 46.93 0.46
N GLU A 353 -9.00 45.94 -0.29
CA GLU A 353 -8.35 44.63 -0.45
C GLU A 353 -7.66 44.52 -1.81
N LEU A 354 -6.57 43.73 -1.80
CA LEU A 354 -5.76 43.42 -2.99
C LEU A 354 -5.59 41.90 -3.02
N MET A 355 -5.55 41.33 -4.21
CA MET A 355 -5.10 39.94 -4.40
C MET A 355 -3.83 40.01 -5.22
N VAL A 356 -2.77 39.35 -4.75
CA VAL A 356 -1.53 39.18 -5.55
C VAL A 356 -1.64 37.89 -6.35
N LEU A 357 -1.67 38.00 -7.67
CA LEU A 357 -1.82 36.84 -8.56
C LEU A 357 -0.42 36.35 -8.91
N ILE A 358 0.13 35.45 -8.11
CA ILE A 358 1.58 35.15 -8.11
C ILE A 358 2.01 34.62 -9.48
N PRO A 359 1.30 33.67 -10.13
CA PRO A 359 1.79 33.14 -11.40
C PRO A 359 1.91 34.24 -12.46
N GLN A 360 1.04 35.25 -12.38
CA GLN A 360 1.07 36.36 -13.35
C GLN A 360 2.22 37.31 -12.99
N LEU A 361 2.42 37.62 -11.70
CA LEU A 361 3.64 38.39 -11.27
C LEU A 361 4.88 37.74 -11.88
N HIS A 362 4.97 36.42 -11.80
CA HIS A 362 6.19 35.66 -12.22
C HIS A 362 6.34 35.58 -13.73
N ARG A 363 5.40 36.17 -14.49
CA ARG A 363 5.43 36.23 -15.95
C ARG A 363 5.58 37.71 -16.42
N ASP A 364 5.97 38.59 -15.50
CA ASP A 364 6.17 40.03 -15.84
C ASP A 364 7.40 40.14 -16.77
N LYS A 365 7.17 40.43 -18.05
CA LYS A 365 8.26 40.51 -19.06
C LYS A 365 9.24 41.64 -18.72
N THR A 366 8.82 42.67 -17.99
CA THR A 366 9.71 43.81 -17.64
C THR A 366 10.78 43.32 -16.66
N ILE A 367 10.53 42.19 -15.99
CA ILE A 367 11.47 41.63 -14.99
C ILE A 367 12.30 40.52 -15.63
N TRP A 368 11.63 39.54 -16.24
CA TRP A 368 12.24 38.23 -16.62
C TRP A 368 12.69 38.23 -18.08
N GLY A 369 12.28 39.22 -18.88
CA GLY A 369 12.59 39.24 -20.31
C GLY A 369 11.53 38.51 -21.10
N ASP A 370 11.70 38.46 -22.42
CA ASP A 370 10.65 38.01 -23.35
C ASP A 370 10.47 36.48 -23.22
N ASP A 371 11.51 35.77 -22.74
CA ASP A 371 11.54 34.27 -22.65
C ASP A 371 10.83 33.77 -21.37
N VAL A 372 9.77 34.44 -20.92
CA VAL A 372 9.23 34.27 -19.54
C VAL A 372 8.62 32.86 -19.36
N GLU A 373 8.22 32.21 -20.46
CA GLU A 373 7.53 30.90 -20.41
C GLU A 373 8.59 29.78 -20.42
N GLU A 374 9.87 30.11 -20.66
CA GLU A 374 10.97 29.13 -20.75
C GLU A 374 11.40 28.71 -19.35
N PHE A 375 11.73 27.43 -19.18
CA PHE A 375 12.24 26.87 -17.92
C PHE A 375 13.76 27.02 -17.90
N ARG A 376 14.25 28.03 -17.19
CA ARG A 376 15.70 28.36 -17.15
C ARG A 376 16.12 28.61 -15.71
N PRO A 377 16.56 27.56 -14.97
CA PRO A 377 16.94 27.73 -13.56
C PRO A 377 18.04 28.77 -13.35
N GLU A 378 18.89 28.99 -14.36
CA GLU A 378 20.02 29.95 -14.30
C GLU A 378 19.52 31.36 -13.98
N ARG A 379 18.22 31.66 -14.14
CA ARG A 379 17.64 32.98 -13.79
C ARG A 379 17.96 33.29 -12.34
N PHE A 380 18.15 32.25 -11.52
CA PHE A 380 18.31 32.40 -10.06
C PHE A 380 19.77 32.36 -9.61
N GLU A 381 20.73 32.49 -10.53
CA GLU A 381 22.18 32.41 -10.21
C GLU A 381 22.54 33.48 -9.18
N ASN A 382 21.93 34.66 -9.29
CA ASN A 382 22.32 35.83 -8.48
C ASN A 382 21.08 36.52 -7.96
N PRO A 383 20.69 36.30 -6.67
CA PRO A 383 19.54 36.98 -6.08
C PRO A 383 19.61 38.52 -6.17
N SER A 384 20.82 39.08 -6.21
CA SER A 384 21.00 40.55 -6.26
C SER A 384 20.59 41.10 -7.63
N ALA A 385 20.52 40.25 -8.65
CA ALA A 385 20.14 40.67 -10.02
C ALA A 385 18.61 40.57 -10.21
N ILE A 386 17.87 40.14 -9.19
CA ILE A 386 16.39 40.05 -9.29
C ILE A 386 15.81 41.23 -8.54
N PRO A 387 15.00 42.09 -9.21
CA PRO A 387 14.36 43.23 -8.56
C PRO A 387 13.54 42.82 -7.32
N GLN A 388 13.40 43.76 -6.39
CA GLN A 388 12.66 43.52 -5.12
C GLN A 388 11.25 43.08 -5.47
N HIS A 389 10.77 42.06 -4.76
CA HIS A 389 9.38 41.57 -4.79
C HIS A 389 8.99 41.06 -6.16
N ALA A 390 9.96 40.68 -7.00
CA ALA A 390 9.66 40.03 -8.30
C ALA A 390 9.22 38.58 -8.12
N PHE A 391 9.64 37.94 -7.04
CA PHE A 391 9.53 36.47 -6.87
C PHE A 391 8.95 36.22 -5.48
N LYS A 392 7.66 35.85 -5.43
CA LYS A 392 6.91 35.84 -4.16
C LYS A 392 6.19 34.52 -3.94
N PRO A 393 6.78 33.35 -4.21
CA PRO A 393 6.04 32.09 -4.01
C PRO A 393 5.77 31.74 -2.53
N PHE A 394 6.44 32.41 -1.59
CA PHE A 394 6.27 32.16 -0.15
C PHE A 394 5.57 33.35 0.54
N GLY A 395 4.94 34.21 -0.24
CA GLY A 395 4.26 35.39 0.32
C GLY A 395 5.26 36.45 0.76
N ASN A 396 4.92 37.21 1.79
CA ASN A 396 5.58 38.49 2.08
C ASN A 396 5.76 38.75 3.58
N GLY A 397 6.93 39.27 3.91
CA GLY A 397 7.18 39.91 5.20
C GLY A 397 7.01 38.96 6.38
N GLN A 398 6.49 39.48 7.49
CA GLN A 398 6.32 38.68 8.73
C GLN A 398 5.25 37.60 8.51
N ARG A 399 4.39 37.72 7.49
CA ARG A 399 3.37 36.69 7.14
C ARG A 399 3.85 35.78 6.01
N ALA A 400 5.15 35.76 5.72
CA ALA A 400 5.72 34.83 4.74
C ALA A 400 5.67 33.40 5.30
N CYS A 401 5.81 32.45 4.40
CA CYS A 401 5.78 31.02 4.73
C CYS A 401 6.81 30.69 5.81
N ILE A 402 6.37 30.17 6.96
CA ILE A 402 7.28 29.72 8.05
C ILE A 402 8.01 28.45 7.60
N GLY A 403 7.42 27.71 6.65
CA GLY A 403 7.89 26.38 6.21
C GLY A 403 8.84 26.40 5.05
N GLN A 404 9.24 27.57 4.57
CA GLN A 404 10.01 27.73 3.32
C GLN A 404 11.27 26.86 3.35
N GLN A 405 12.09 26.91 4.40
N GLN A 405 12.07 26.94 4.42
CA GLN A 405 13.38 26.19 4.37
CA GLN A 405 13.38 26.24 4.50
C GLN A 405 13.11 24.69 4.56
C GLN A 405 13.09 24.73 4.55
N PHE A 406 12.06 24.33 5.30
CA PHE A 406 11.63 22.92 5.48
C PHE A 406 11.26 22.35 4.12
N ALA A 407 10.37 23.04 3.40
CA ALA A 407 9.86 22.56 2.09
C ALA A 407 11.04 22.44 1.12
N LEU A 408 11.91 23.44 1.09
CA LEU A 408 12.98 23.44 0.05
C LEU A 408 14.02 22.37 0.42
N HIS A 409 14.32 22.16 1.70
CA HIS A 409 15.27 21.09 2.09
C HIS A 409 14.69 19.74 1.65
N GLU A 410 13.43 19.49 1.98
CA GLU A 410 12.75 18.22 1.62
C GLU A 410 12.80 18.04 0.10
N ALA A 411 12.34 19.04 -0.65
CA ALA A 411 12.22 18.94 -2.11
C ALA A 411 13.61 18.78 -2.74
N THR A 412 14.62 19.46 -2.20
CA THR A 412 16.00 19.37 -2.74
C THR A 412 16.53 17.94 -2.50
N LEU A 413 16.35 17.42 -1.27
CA LEU A 413 16.79 16.05 -0.89
C LEU A 413 16.14 15.05 -1.85
N VAL A 414 14.83 15.13 -2.00
CA VAL A 414 14.03 14.12 -2.76
C VAL A 414 14.37 14.20 -4.24
N LEU A 415 14.40 15.39 -4.82
CA LEU A 415 14.68 15.53 -6.26
C LEU A 415 16.13 15.10 -6.51
N GLY A 416 17.05 15.41 -5.60
CA GLY A 416 18.45 14.95 -5.69
C GLY A 416 18.50 13.43 -5.72
N MET A 417 17.78 12.75 -4.82
CA MET A 417 17.83 11.26 -4.78
C MET A 417 17.17 10.70 -6.04
N MET A 418 16.08 11.31 -6.49
CA MET A 418 15.38 10.87 -7.72
C MET A 418 16.36 10.93 -8.89
N LEU A 419 17.09 12.04 -9.03
CA LEU A 419 17.99 12.24 -10.18
C LEU A 419 19.24 11.37 -10.05
N LYS A 420 19.66 11.03 -8.83
CA LYS A 420 20.82 10.11 -8.58
C LYS A 420 20.44 8.70 -9.01
N HIS A 421 19.22 8.26 -8.74
CA HIS A 421 18.86 6.82 -8.75
C HIS A 421 18.15 6.40 -10.05
N PHE A 422 17.59 7.32 -10.83
CA PHE A 422 16.76 6.97 -12.02
C PHE A 422 17.00 7.91 -13.19
N ASP A 423 16.85 7.34 -14.39
CA ASP A 423 16.58 8.10 -15.63
C ASP A 423 15.06 8.15 -15.79
N PHE A 424 14.53 9.30 -16.23
CA PHE A 424 13.06 9.53 -16.35
C PHE A 424 12.69 9.63 -17.81
N GLU A 425 11.52 9.11 -18.14
CA GLU A 425 10.96 9.13 -19.50
C GLU A 425 9.53 9.67 -19.45
N ASP A 426 9.28 10.72 -20.23
CA ASP A 426 7.92 11.26 -20.47
C ASP A 426 7.27 10.39 -21.54
N HIS A 427 6.87 9.17 -21.15
CA HIS A 427 6.50 8.10 -22.12
C HIS A 427 5.18 8.44 -22.82
N THR A 428 4.32 9.29 -22.25
CA THR A 428 2.98 9.62 -22.84
C THR A 428 3.01 10.98 -23.54
N ASN A 429 4.16 11.66 -23.56
CA ASN A 429 4.24 13.07 -24.04
C ASN A 429 3.12 13.85 -23.34
N TYR A 430 3.18 13.90 -22.01
CA TYR A 430 2.07 14.38 -21.15
C TYR A 430 1.75 15.85 -21.48
N GLU A 431 0.45 16.17 -21.65
CA GLU A 431 -0.04 17.56 -21.82
C GLU A 431 -0.39 18.11 -20.44
N LEU A 432 0.30 19.18 -20.01
CA LEU A 432 0.10 19.73 -18.64
C LEU A 432 -1.38 20.09 -18.44
N ASP A 433 -1.96 19.56 -17.37
CA ASP A 433 -3.36 19.77 -16.94
C ASP A 433 -3.27 20.15 -15.47
N ILE A 434 -3.59 21.38 -15.10
CA ILE A 434 -3.36 21.88 -13.72
C ILE A 434 -4.69 21.84 -13.00
N LYS A 435 -4.76 20.96 -12.01
CA LYS A 435 -5.92 20.82 -11.11
C LYS A 435 -5.82 21.88 -10.03
N GLU A 436 -6.95 22.50 -9.74
CA GLU A 436 -7.05 23.55 -8.70
C GLU A 436 -7.87 23.03 -7.53
N THR A 437 -7.29 23.16 -6.33
CA THR A 437 -7.95 22.93 -5.03
C THR A 437 -7.56 24.10 -4.12
N LEU A 438 -7.75 25.33 -4.58
CA LEU A 438 -7.09 26.55 -4.04
C LEU A 438 -5.59 26.49 -4.43
N THR A 439 -4.88 25.45 -3.97
CA THR A 439 -3.51 25.10 -4.45
C THR A 439 -3.52 24.51 -5.87
N LEU A 440 -2.36 24.44 -6.50
CA LEU A 440 -2.18 23.99 -7.90
C LEU A 440 -1.31 22.73 -7.93
N LYS A 441 -1.69 21.76 -8.76
CA LYS A 441 -0.90 20.54 -8.93
C LYS A 441 -1.20 20.01 -10.33
N PRO A 442 -0.20 19.42 -11.02
CA PRO A 442 -0.46 18.68 -12.26
C PRO A 442 -1.45 17.55 -11.94
N GLU A 443 -2.32 17.26 -12.89
CA GLU A 443 -3.24 16.11 -12.79
C GLU A 443 -2.88 15.14 -13.93
N GLY A 444 -2.80 13.85 -13.61
CA GLY A 444 -2.59 12.79 -14.60
C GLY A 444 -1.18 12.77 -15.14
N PHE A 445 -0.25 13.43 -14.45
CA PHE A 445 1.18 13.43 -14.84
C PHE A 445 1.74 12.05 -14.49
N VAL A 446 2.24 11.34 -15.50
CA VAL A 446 2.84 9.98 -15.35
C VAL A 446 4.19 9.99 -16.07
N VAL A 447 5.15 9.23 -15.56
CA VAL A 447 6.49 9.02 -16.18
C VAL A 447 6.85 7.55 -15.99
N LYS A 448 7.88 7.11 -16.71
CA LYS A 448 8.60 5.86 -16.38
C LYS A 448 9.96 6.24 -15.80
N ALA A 449 10.39 5.50 -14.78
CA ALA A 449 11.71 5.67 -14.13
C ALA A 449 12.51 4.39 -14.31
N LYS A 450 13.58 4.45 -15.10
CA LYS A 450 14.52 3.33 -15.32
C LYS A 450 15.65 3.47 -14.29
N SER A 451 15.76 2.48 -13.39
CA SER A 451 16.79 2.45 -12.32
C SER A 451 18.19 2.53 -12.92
N LYS A 452 19.06 3.30 -12.27
CA LYS A 452 20.52 3.36 -12.56
C LYS A 452 21.23 2.27 -11.74
N LYS A 453 20.47 1.54 -10.91
CA LYS A 453 20.96 0.38 -10.13
C LYS A 453 22.06 0.85 -9.18
N ILE A 454 21.85 1.97 -8.50
CA ILE A 454 22.79 2.48 -7.46
C ILE A 454 22.22 2.11 -6.10
N PRO A 455 22.93 1.29 -5.32
CA PRO A 455 22.48 0.86 -4.01
C PRO A 455 22.17 1.99 -3.02
N LEU A 456 21.20 1.72 -2.15
CA LEU A 456 20.83 2.55 -0.97
C LEU A 456 21.54 2.00 0.29
N ILE B 3 -15.34 -59.06 6.48
CA ILE B 3 -16.00 -58.06 5.56
C ILE B 3 -16.99 -57.22 6.39
N LYS B 4 -16.60 -55.97 6.66
CA LYS B 4 -17.35 -55.00 7.53
C LYS B 4 -18.13 -54.03 6.60
N GLU B 5 -19.31 -53.57 7.05
CA GLU B 5 -20.07 -52.55 6.32
C GLU B 5 -19.81 -51.17 6.95
N MET B 6 -19.63 -50.14 6.13
CA MET B 6 -19.14 -48.87 6.67
C MET B 6 -20.30 -47.96 7.03
N PRO B 7 -20.08 -47.16 8.09
CA PRO B 7 -21.04 -46.16 8.54
C PRO B 7 -21.24 -45.09 7.46
N GLN B 8 -22.36 -44.39 7.57
CA GLN B 8 -22.73 -43.30 6.66
C GLN B 8 -23.45 -42.25 7.48
N PRO B 9 -23.17 -40.94 7.28
CA PRO B 9 -23.89 -39.90 8.00
C PRO B 9 -25.32 -39.76 7.45
N LYS B 10 -26.06 -38.86 8.09
CA LYS B 10 -27.52 -38.67 7.87
C LYS B 10 -27.78 -38.24 6.42
N THR B 11 -28.93 -38.68 5.91
CA THR B 11 -29.34 -38.52 4.50
C THR B 11 -30.57 -37.62 4.40
N PHE B 12 -30.76 -37.10 3.20
CA PHE B 12 -31.78 -36.09 2.84
C PHE B 12 -32.56 -36.60 1.62
N GLY B 13 -33.15 -37.78 1.73
CA GLY B 13 -33.89 -38.40 0.62
C GLY B 13 -32.99 -38.55 -0.61
N GLU B 14 -33.48 -38.07 -1.76
CA GLU B 14 -32.83 -38.25 -3.09
C GLU B 14 -31.52 -37.45 -3.14
N LEU B 15 -31.31 -36.48 -2.24
CA LEU B 15 -30.04 -35.69 -2.22
C LEU B 15 -28.98 -36.46 -1.43
N LYS B 16 -29.34 -37.56 -0.77
CA LYS B 16 -28.40 -38.46 -0.05
C LYS B 16 -27.65 -37.60 0.98
N ASN B 17 -26.32 -37.58 0.95
CA ASN B 17 -25.55 -36.82 1.97
C ASN B 17 -25.23 -35.39 1.48
N LEU B 18 -25.59 -35.01 0.27
CA LEU B 18 -25.06 -33.77 -0.34
C LEU B 18 -25.33 -32.56 0.55
N PRO B 19 -26.53 -32.39 1.15
CA PRO B 19 -26.79 -31.18 1.96
C PRO B 19 -25.87 -31.01 3.18
N LEU B 20 -25.13 -32.04 3.59
CA LEU B 20 -24.12 -31.90 4.67
C LEU B 20 -23.00 -30.94 4.24
N LEU B 21 -22.83 -30.72 2.93
CA LEU B 21 -21.79 -29.78 2.41
C LEU B 21 -22.38 -28.38 2.25
N ASN B 22 -23.67 -28.20 2.54
CA ASN B 22 -24.30 -26.85 2.46
C ASN B 22 -23.96 -26.10 3.76
N THR B 23 -22.70 -25.70 3.86
CA THR B 23 -22.13 -25.01 5.04
C THR B 23 -20.93 -24.21 4.54
N ASP B 24 -20.60 -23.10 5.23
CA ASP B 24 -19.40 -22.32 4.89
C ASP B 24 -18.16 -23.08 5.35
N LYS B 25 -18.29 -24.14 6.16
CA LYS B 25 -17.10 -24.85 6.71
C LYS B 25 -17.22 -26.36 6.51
N PRO B 26 -17.20 -26.84 5.25
CA PRO B 26 -17.42 -28.25 4.95
C PRO B 26 -16.35 -29.21 5.48
N VAL B 27 -15.06 -28.85 5.44
CA VAL B 27 -14.00 -29.73 6.00
C VAL B 27 -14.23 -29.91 7.50
N GLN B 28 -14.51 -28.82 8.20
CA GLN B 28 -14.75 -28.89 9.66
C GLN B 28 -16.01 -29.73 9.92
N ALA B 29 -17.02 -29.68 9.05
CA ALA B 29 -18.23 -30.50 9.21
C ALA B 29 -17.86 -31.97 9.01
N LEU B 30 -17.03 -32.26 8.00
CA LEU B 30 -16.59 -33.65 7.73
C LEU B 30 -15.72 -34.15 8.89
N MET B 31 -14.93 -33.29 9.53
CA MET B 31 -14.14 -33.69 10.72
C MET B 31 -15.07 -34.12 11.87
N LYS B 32 -16.16 -33.37 12.08
N LYS B 32 -16.16 -33.37 12.08
CA LYS B 32 -17.16 -33.67 13.14
CA LYS B 32 -17.14 -33.70 13.14
C LYS B 32 -17.87 -35.00 12.80
C LYS B 32 -17.82 -35.04 12.80
N ILE B 33 -18.13 -35.27 11.52
CA ILE B 33 -18.73 -36.58 11.11
C ILE B 33 -17.71 -37.70 11.36
N ALA B 34 -16.44 -37.49 11.05
CA ALA B 34 -15.39 -38.51 11.31
C ALA B 34 -15.27 -38.77 12.82
N ASP B 35 -15.36 -37.74 13.65
CA ASP B 35 -15.33 -37.91 15.12
C ASP B 35 -16.46 -38.86 15.56
N GLU B 36 -17.65 -38.70 14.97
N GLU B 36 -17.64 -38.76 14.95
N GLU B 36 -17.64 -38.74 14.96
CA GLU B 36 -18.87 -39.50 15.24
CA GLU B 36 -18.85 -39.54 15.33
CA GLU B 36 -18.84 -39.55 15.32
C GLU B 36 -18.65 -40.94 14.77
C GLU B 36 -18.81 -40.95 14.71
C GLU B 36 -18.73 -40.97 14.74
N LEU B 37 -18.29 -41.10 13.49
CA LEU B 37 -18.41 -42.38 12.73
C LEU B 37 -17.11 -43.20 12.73
N GLY B 38 -15.97 -42.57 12.97
CA GLY B 38 -14.67 -43.25 13.06
C GLY B 38 -13.86 -43.18 11.77
N GLU B 39 -13.06 -44.22 11.55
CA GLU B 39 -11.90 -44.21 10.62
C GLU B 39 -12.35 -44.22 9.15
N ILE B 40 -13.58 -44.64 8.88
CA ILE B 40 -14.12 -44.71 7.49
C ILE B 40 -15.61 -44.45 7.49
N PHE B 41 -16.06 -43.62 6.56
CA PHE B 41 -17.50 -43.47 6.31
C PHE B 41 -17.74 -43.24 4.83
N LYS B 42 -18.87 -43.76 4.37
CA LYS B 42 -19.36 -43.58 3.00
C LYS B 42 -20.05 -42.21 2.95
N PHE B 43 -19.87 -41.52 1.83
CA PHE B 43 -20.53 -40.24 1.55
C PHE B 43 -21.08 -40.31 0.14
N GLU B 44 -22.40 -40.20 0.01
CA GLU B 44 -23.12 -40.33 -1.27
C GLU B 44 -23.72 -38.98 -1.65
N ALA B 45 -23.63 -38.66 -2.93
CA ALA B 45 -24.42 -37.58 -3.56
C ALA B 45 -25.08 -38.20 -4.78
N PRO B 46 -26.08 -37.53 -5.40
CA PRO B 46 -26.66 -38.04 -6.65
C PRO B 46 -25.55 -38.32 -7.65
N GLY B 47 -25.46 -39.58 -8.12
CA GLY B 47 -24.49 -40.06 -9.12
C GLY B 47 -23.04 -40.01 -8.66
N ARG B 48 -22.77 -40.04 -7.36
N ARG B 48 -22.79 -40.21 -7.37
CA ARG B 48 -21.36 -40.14 -6.87
CA ARG B 48 -21.43 -40.03 -6.80
C ARG B 48 -21.31 -40.72 -5.46
C ARG B 48 -21.31 -40.69 -5.42
N VAL B 49 -20.24 -41.47 -5.19
CA VAL B 49 -19.90 -41.99 -3.84
C VAL B 49 -18.40 -41.80 -3.61
N THR B 50 -18.04 -41.46 -2.39
CA THR B 50 -16.65 -41.52 -1.91
C THR B 50 -16.64 -42.07 -0.49
N ARG B 51 -15.45 -42.39 -0.01
CA ARG B 51 -15.23 -42.92 1.34
C ARG B 51 -14.19 -42.04 1.99
N TYR B 52 -14.55 -41.44 3.12
CA TYR B 52 -13.66 -40.56 3.91
C TYR B 52 -12.85 -41.43 4.86
N LEU B 53 -11.52 -41.32 4.76
CA LEU B 53 -10.57 -42.05 5.63
C LEU B 53 -9.94 -41.09 6.63
N SER B 54 -9.84 -41.53 7.88
CA SER B 54 -9.35 -40.73 9.03
C SER B 54 -8.25 -41.42 9.82
N SER B 55 -8.01 -42.72 9.64
CA SER B 55 -7.02 -43.45 10.48
C SER B 55 -5.71 -43.68 9.72
N GLN B 56 -4.60 -43.72 10.45
CA GLN B 56 -3.29 -44.09 9.85
C GLN B 56 -3.39 -45.53 9.28
N ARG B 57 -4.13 -46.42 9.96
CA ARG B 57 -4.24 -47.85 9.57
C ARG B 57 -4.71 -47.94 8.11
N LEU B 58 -5.76 -47.19 7.75
CA LEU B 58 -6.36 -47.30 6.39
C LEU B 58 -5.60 -46.39 5.43
N ILE B 59 -5.15 -45.24 5.91
CA ILE B 59 -4.51 -44.23 5.02
C ILE B 59 -3.14 -44.76 4.58
N LYS B 60 -2.44 -45.53 5.42
CA LYS B 60 -1.17 -46.17 4.97
C LYS B 60 -1.45 -47.04 3.75
N GLU B 61 -2.59 -47.75 3.71
CA GLU B 61 -2.92 -48.61 2.55
C GLU B 61 -3.29 -47.75 1.34
N ALA B 62 -4.11 -46.70 1.54
CA ALA B 62 -4.53 -45.79 0.47
C ALA B 62 -3.28 -45.17 -0.21
N CYS B 63 -2.18 -45.04 0.53
CA CYS B 63 -0.94 -44.36 0.08
C CYS B 63 0.02 -45.33 -0.63
N ASP B 64 -0.40 -46.59 -0.78
CA ASP B 64 0.29 -47.60 -1.62
C ASP B 64 -0.01 -47.27 -3.08
N GLU B 65 0.97 -46.70 -3.78
CA GLU B 65 0.84 -46.24 -5.18
C GLU B 65 0.64 -47.42 -6.14
N SER B 66 0.95 -48.66 -5.73
CA SER B 66 0.69 -49.85 -6.59
C SER B 66 -0.81 -50.14 -6.58
N ARG B 67 -1.55 -49.67 -5.58
CA ARG B 67 -3.01 -49.99 -5.41
C ARG B 67 -3.88 -48.77 -5.71
N PHE B 68 -3.39 -47.56 -5.44
CA PHE B 68 -4.19 -46.31 -5.55
C PHE B 68 -3.39 -45.21 -6.22
N ASP B 69 -4.06 -44.45 -7.08
CA ASP B 69 -3.49 -43.26 -7.75
C ASP B 69 -4.25 -42.00 -7.33
N LYS B 70 -3.64 -40.85 -7.50
CA LYS B 70 -4.32 -39.56 -7.27
C LYS B 70 -5.62 -39.47 -8.09
N ASN B 71 -6.69 -39.06 -7.42
CA ASN B 71 -7.99 -38.78 -8.05
C ASN B 71 -8.22 -37.27 -8.04
N LEU B 72 -8.92 -36.73 -9.04
CA LEU B 72 -9.45 -35.34 -8.95
C LEU B 72 -10.79 -35.41 -8.21
N SER B 73 -10.81 -34.93 -6.98
CA SER B 73 -12.04 -34.63 -6.20
C SER B 73 -12.91 -33.69 -7.04
N GLN B 74 -14.19 -33.55 -6.68
N GLN B 74 -14.19 -33.56 -6.69
CA GLN B 74 -15.05 -32.55 -7.36
CA GLN B 74 -15.08 -32.55 -7.33
C GLN B 74 -14.41 -31.16 -7.23
C GLN B 74 -14.42 -31.17 -7.23
N ALA B 75 -13.85 -30.83 -6.07
CA ALA B 75 -13.16 -29.52 -5.87
C ALA B 75 -12.09 -29.34 -6.94
N LEU B 76 -11.23 -30.33 -7.16
CA LEU B 76 -10.14 -30.18 -8.16
C LEU B 76 -10.71 -30.16 -9.57
N LYS B 77 -11.80 -30.90 -9.87
CA LYS B 77 -12.41 -30.81 -11.23
C LYS B 77 -12.87 -29.37 -11.48
N PHE B 78 -13.40 -28.68 -10.47
CA PHE B 78 -13.89 -27.29 -10.60
C PHE B 78 -12.71 -26.33 -10.75
N VAL B 79 -11.65 -26.53 -9.98
CA VAL B 79 -10.42 -25.69 -10.05
C VAL B 79 -9.75 -25.90 -11.42
N ARG B 80 -9.88 -27.09 -11.99
CA ARG B 80 -9.31 -27.42 -13.31
C ARG B 80 -9.90 -26.50 -14.39
N ASP B 81 -11.10 -25.94 -14.18
CA ASP B 81 -11.66 -24.95 -15.14
C ASP B 81 -10.67 -23.80 -15.36
N PHE B 82 -9.83 -23.45 -14.38
CA PHE B 82 -8.79 -22.41 -14.58
C PHE B 82 -7.36 -22.96 -14.46
N ALA B 83 -7.11 -24.09 -13.78
CA ALA B 83 -5.75 -24.63 -13.59
C ALA B 83 -5.45 -25.75 -14.60
N GLY B 84 -6.43 -26.14 -15.42
CA GLY B 84 -6.27 -27.09 -16.54
C GLY B 84 -5.41 -28.30 -16.18
N ASP B 85 -4.45 -28.63 -17.04
CA ASP B 85 -3.56 -29.81 -16.82
C ASP B 85 -2.21 -29.33 -16.25
N GLY B 86 -2.26 -28.28 -15.43
CA GLY B 86 -1.17 -27.91 -14.52
C GLY B 86 -0.87 -29.07 -13.57
N LEU B 87 0.22 -28.98 -12.82
CA LEU B 87 0.69 -30.15 -12.03
C LEU B 87 -0.39 -30.56 -11.01
N PHE B 88 -1.10 -29.61 -10.40
CA PHE B 88 -2.02 -29.91 -9.26
C PHE B 88 -3.28 -30.61 -9.78
N THR B 89 -3.75 -30.26 -10.98
CA THR B 89 -5.08 -30.68 -11.48
C THR B 89 -4.98 -31.62 -12.69
N SER B 90 -3.80 -32.17 -12.95
CA SER B 90 -3.62 -33.19 -14.00
C SER B 90 -3.75 -34.60 -13.37
N TRP B 91 -4.23 -35.52 -14.18
CA TRP B 91 -4.21 -36.95 -13.86
C TRP B 91 -2.79 -37.46 -14.09
N THR B 92 -2.37 -38.44 -13.32
CA THR B 92 -1.02 -39.02 -13.40
C THR B 92 -0.78 -39.54 -14.81
N HIS B 93 -1.84 -40.01 -15.48
CA HIS B 93 -1.77 -40.67 -16.80
C HIS B 93 -1.81 -39.66 -17.95
N GLU B 94 -2.00 -38.36 -17.68
CA GLU B 94 -1.94 -37.32 -18.74
C GLU B 94 -0.47 -37.07 -19.03
N LYS B 95 -0.10 -37.02 -20.31
CA LYS B 95 1.29 -36.80 -20.77
C LYS B 95 1.89 -35.58 -20.03
N ASN B 96 1.13 -34.50 -19.90
CA ASN B 96 1.66 -33.24 -19.32
C ASN B 96 1.98 -33.36 -17.82
N TRP B 97 1.44 -34.35 -17.10
CA TRP B 97 1.82 -34.52 -15.67
C TRP B 97 3.32 -34.88 -15.58
N LYS B 98 3.74 -36.03 -16.10
CA LYS B 98 5.14 -36.49 -15.88
C LYS B 98 6.08 -35.52 -16.58
N LYS B 99 5.67 -34.98 -17.72
CA LYS B 99 6.52 -34.06 -18.51
C LYS B 99 6.80 -32.81 -17.68
N ALA B 100 5.76 -32.16 -17.14
CA ALA B 100 5.93 -30.94 -16.31
C ALA B 100 6.68 -31.27 -15.02
N HIS B 101 6.40 -32.41 -14.40
CA HIS B 101 7.08 -32.88 -13.17
C HIS B 101 8.59 -32.95 -13.45
N ASN B 102 8.96 -33.61 -14.54
CA ASN B 102 10.39 -33.80 -14.88
C ASN B 102 11.05 -32.43 -15.13
N ILE B 103 10.34 -31.53 -15.80
CA ILE B 103 10.89 -30.21 -16.21
C ILE B 103 11.05 -29.31 -14.99
N LEU B 104 10.10 -29.34 -14.05
CA LEU B 104 10.04 -28.33 -12.96
C LEU B 104 10.68 -28.83 -11.66
N LEU B 105 10.83 -30.14 -11.47
CA LEU B 105 11.41 -30.68 -10.20
C LEU B 105 12.78 -30.05 -9.95
N PRO B 106 13.67 -29.84 -10.93
CA PRO B 106 14.97 -29.21 -10.66
C PRO B 106 14.89 -27.75 -10.15
N SER B 107 13.75 -27.07 -10.35
CA SER B 107 13.49 -25.72 -9.81
C SER B 107 13.34 -25.73 -8.29
N PHE B 108 13.28 -26.91 -7.69
CA PHE B 108 13.14 -27.08 -6.21
C PHE B 108 14.35 -27.86 -5.68
N SER B 109 15.49 -27.86 -6.38
CA SER B 109 16.76 -28.45 -5.88
C SER B 109 17.35 -27.55 -4.78
N GLN B 110 18.18 -28.15 -3.91
N GLN B 110 18.23 -28.10 -3.93
CA GLN B 110 19.00 -27.42 -2.90
CA GLN B 110 18.87 -27.31 -2.86
C GLN B 110 19.57 -26.17 -3.59
C GLN B 110 19.70 -26.17 -3.50
N GLN B 111 20.28 -26.37 -4.70
CA GLN B 111 20.96 -25.26 -5.45
C GLN B 111 19.94 -24.17 -5.80
N ALA B 112 18.77 -24.55 -6.32
CA ALA B 112 17.67 -23.60 -6.61
C ALA B 112 17.24 -22.87 -5.32
N MET B 113 17.05 -23.60 -4.22
CA MET B 113 16.57 -23.03 -2.93
C MET B 113 17.59 -21.99 -2.42
N LYS B 114 18.89 -22.29 -2.51
CA LYS B 114 19.95 -21.32 -2.15
C LYS B 114 19.78 -20.08 -3.03
N GLY B 115 19.39 -20.28 -4.29
CA GLY B 115 19.20 -19.19 -5.26
C GLY B 115 17.99 -18.35 -4.93
N TYR B 116 16.93 -18.93 -4.36
CA TYR B 116 15.69 -18.21 -4.03
C TYR B 116 15.85 -17.41 -2.75
N HIS B 117 16.76 -17.81 -1.88
CA HIS B 117 16.87 -17.29 -0.50
C HIS B 117 16.87 -15.74 -0.48
N ALA B 118 17.70 -15.09 -1.30
CA ALA B 118 17.89 -13.62 -1.25
C ALA B 118 16.57 -12.91 -1.56
N MET B 119 15.80 -13.45 -2.50
N MET B 119 15.79 -13.46 -2.50
CA MET B 119 14.49 -12.86 -2.89
CA MET B 119 14.47 -12.91 -2.91
C MET B 119 13.49 -13.11 -1.75
C MET B 119 13.45 -13.15 -1.80
N MET B 120 13.53 -14.28 -1.08
CA MET B 120 12.64 -14.49 0.08
C MET B 120 12.95 -13.44 1.16
N VAL B 121 14.24 -13.15 1.36
CA VAL B 121 14.65 -12.15 2.39
C VAL B 121 14.11 -10.78 1.98
N ASP B 122 14.13 -10.48 0.68
CA ASP B 122 13.65 -9.17 0.15
C ASP B 122 12.22 -8.95 0.64
N ILE B 123 11.35 -9.94 0.48
CA ILE B 123 9.91 -9.79 0.85
C ILE B 123 9.80 -9.81 2.37
N ALA B 124 10.57 -10.67 3.06
CA ALA B 124 10.48 -10.81 4.52
C ALA B 124 10.84 -9.46 5.17
N VAL B 125 11.87 -8.82 4.65
CA VAL B 125 12.32 -7.50 5.19
C VAL B 125 11.20 -6.47 4.96
N GLN B 126 10.50 -6.54 3.82
CA GLN B 126 9.35 -5.62 3.59
C GLN B 126 8.29 -5.84 4.68
N LEU B 127 8.02 -7.10 5.05
CA LEU B 127 7.01 -7.39 6.12
C LEU B 127 7.50 -6.79 7.43
N VAL B 128 8.75 -7.05 7.82
CA VAL B 128 9.29 -6.53 9.10
C VAL B 128 9.23 -5.00 9.11
N GLN B 129 9.64 -4.33 8.02
N GLN B 129 9.64 -4.35 8.01
CA GLN B 129 9.61 -2.85 7.98
CA GLN B 129 9.62 -2.86 7.92
C GLN B 129 8.16 -2.35 8.11
C GLN B 129 8.18 -2.35 8.06
N LYS B 130 7.20 -3.03 7.48
CA LYS B 130 5.79 -2.60 7.60
C LYS B 130 5.43 -2.54 9.09
N TRP B 131 5.75 -3.62 9.81
CA TRP B 131 5.34 -3.75 11.22
C TRP B 131 6.19 -2.81 12.10
N GLU B 132 7.45 -2.58 11.75
CA GLU B 132 8.29 -1.58 12.50
C GLU B 132 7.67 -0.18 12.40
N ARG B 133 6.95 0.09 11.31
CA ARG B 133 6.48 1.46 10.97
C ARG B 133 5.05 1.70 11.46
N LEU B 134 4.41 0.73 12.12
CA LEU B 134 3.05 0.93 12.66
C LEU B 134 3.15 1.89 13.84
N ASN B 135 2.11 2.68 14.05
CA ASN B 135 2.02 3.62 15.19
C ASN B 135 1.56 2.88 16.44
N ALA B 136 1.65 3.57 17.60
CA ALA B 136 1.09 3.19 18.91
C ALA B 136 -0.25 2.51 18.73
N ASP B 137 -0.34 1.27 19.21
CA ASP B 137 -1.59 0.49 19.41
C ASP B 137 -2.35 0.32 18.08
N GLU B 138 -1.66 0.45 16.94
CA GLU B 138 -2.17 -0.13 15.67
C GLU B 138 -1.95 -1.63 15.76
N HIS B 139 -2.77 -2.39 15.05
CA HIS B 139 -2.68 -3.87 15.07
C HIS B 139 -2.30 -4.38 13.68
N ILE B 140 -1.99 -5.66 13.63
CA ILE B 140 -1.67 -6.41 12.40
C ILE B 140 -2.85 -7.28 12.04
N GLU B 141 -3.25 -7.25 10.77
CA GLU B 141 -4.19 -8.22 10.16
C GLU B 141 -3.33 -9.39 9.67
N VAL B 142 -3.30 -10.47 10.43
CA VAL B 142 -2.29 -11.52 10.22
C VAL B 142 -2.49 -12.20 8.87
N PRO B 143 -3.64 -12.86 8.57
CA PRO B 143 -3.73 -13.57 7.29
C PRO B 143 -3.56 -12.63 6.08
N GLU B 144 -4.00 -11.37 6.19
CA GLU B 144 -3.87 -10.38 5.11
C GLU B 144 -2.38 -10.13 4.83
N ASP B 145 -1.59 -9.86 5.87
CA ASP B 145 -0.14 -9.63 5.71
C ASP B 145 0.59 -10.91 5.30
N MET B 146 0.16 -12.07 5.78
CA MET B 146 0.84 -13.32 5.38
C MET B 146 0.56 -13.57 3.90
N THR B 147 -0.63 -13.24 3.39
CA THR B 147 -0.95 -13.39 1.96
C THR B 147 -0.10 -12.40 1.16
N ARG B 148 0.05 -11.16 1.63
CA ARG B 148 0.94 -10.17 0.96
C ARG B 148 2.33 -10.80 0.81
N LEU B 149 2.87 -11.35 1.89
CA LEU B 149 4.24 -11.92 1.86
C LEU B 149 4.29 -13.13 0.93
N THR B 150 3.40 -14.11 1.06
CA THR B 150 3.58 -15.39 0.33
C THR B 150 3.32 -15.17 -1.17
N LEU B 151 2.35 -14.35 -1.53
CA LEU B 151 2.14 -14.02 -2.96
C LEU B 151 3.39 -13.33 -3.52
N ASP B 152 3.92 -12.32 -2.81
CA ASP B 152 5.08 -11.57 -3.34
C ASP B 152 6.28 -12.53 -3.46
N THR B 153 6.43 -13.45 -2.51
CA THR B 153 7.60 -14.40 -2.53
C THR B 153 7.49 -15.32 -3.75
N ILE B 154 6.33 -15.95 -4.02
CA ILE B 154 6.24 -16.85 -5.20
C ILE B 154 6.37 -16.00 -6.47
N GLY B 155 5.81 -14.77 -6.50
CA GLY B 155 5.97 -13.91 -7.69
C GLY B 155 7.44 -13.59 -7.98
N LEU B 156 8.19 -13.18 -6.95
CA LEU B 156 9.59 -12.73 -7.16
C LEU B 156 10.50 -13.93 -7.39
N CYS B 157 10.44 -14.94 -6.53
CA CYS B 157 11.30 -16.14 -6.62
C CYS B 157 10.92 -16.93 -7.89
N GLY B 158 9.63 -17.06 -8.17
CA GLY B 158 9.18 -17.94 -9.25
C GLY B 158 9.31 -17.28 -10.61
N PHE B 159 9.02 -15.97 -10.68
CA PHE B 159 8.70 -15.31 -11.97
C PHE B 159 9.44 -13.97 -12.13
N ASN B 160 10.31 -13.62 -11.18
CA ASN B 160 11.04 -12.33 -11.16
C ASN B 160 10.03 -11.20 -11.38
N TYR B 161 8.84 -11.31 -10.78
CA TYR B 161 7.73 -10.35 -10.95
C TYR B 161 7.35 -9.79 -9.58
N ARG B 162 7.26 -8.46 -9.48
CA ARG B 162 6.90 -7.83 -8.19
C ARG B 162 5.39 -7.52 -8.14
N PHE B 163 4.65 -8.21 -7.28
CA PHE B 163 3.22 -7.90 -7.02
C PHE B 163 3.11 -6.63 -6.18
N ASN B 164 4.18 -6.29 -5.43
CA ASN B 164 4.22 -5.07 -4.60
C ASN B 164 2.98 -5.03 -3.70
N SER B 165 2.68 -6.15 -3.06
CA SER B 165 1.49 -6.31 -2.18
C SER B 165 1.59 -5.38 -0.94
N PHE B 166 2.80 -5.08 -0.46
CA PHE B 166 2.99 -4.21 0.73
C PHE B 166 2.79 -2.75 0.36
N TYR B 167 2.60 -2.43 -0.93
CA TYR B 167 2.27 -1.06 -1.40
C TYR B 167 0.76 -0.88 -1.54
N ARG B 168 -0.05 -1.86 -1.10
N ARG B 168 -0.03 -1.88 -1.13
CA ARG B 168 -1.52 -1.86 -1.28
CA ARG B 168 -1.51 -1.88 -1.24
C ARG B 168 -2.24 -2.11 0.05
C ARG B 168 -2.14 -2.00 0.15
N ASP B 169 -3.23 -1.26 0.37
CA ASP B 169 -4.10 -1.42 1.57
C ASP B 169 -5.24 -2.40 1.22
N GLN B 170 -5.54 -2.57 -0.07
CA GLN B 170 -6.62 -3.46 -0.58
C GLN B 170 -5.94 -4.70 -1.15
N PRO B 171 -6.56 -5.90 -1.03
CA PRO B 171 -6.03 -7.08 -1.71
C PRO B 171 -5.64 -6.76 -3.16
N HIS B 172 -4.52 -7.34 -3.56
CA HIS B 172 -4.11 -7.38 -4.98
C HIS B 172 -5.33 -7.95 -5.72
N PRO B 173 -5.74 -7.34 -6.86
CA PRO B 173 -6.94 -7.78 -7.56
C PRO B 173 -6.91 -9.25 -8.05
N PHE B 174 -5.72 -9.77 -8.38
CA PHE B 174 -5.47 -11.22 -8.63
C PHE B 174 -6.06 -12.01 -7.46
N ILE B 175 -5.78 -11.56 -6.23
CA ILE B 175 -6.16 -12.24 -4.96
C ILE B 175 -7.69 -12.17 -4.82
N THR B 176 -8.32 -11.01 -5.04
CA THR B 176 -9.79 -10.89 -4.96
C THR B 176 -10.44 -11.93 -5.91
N SER B 177 -9.96 -12.04 -7.15
CA SER B 177 -10.52 -12.98 -8.15
C SER B 177 -10.20 -14.44 -7.76
N MET B 178 -8.99 -14.71 -7.27
CA MET B 178 -8.56 -16.08 -6.90
C MET B 178 -9.42 -16.55 -5.73
N VAL B 179 -9.59 -15.72 -4.71
CA VAL B 179 -10.39 -16.08 -3.51
C VAL B 179 -11.83 -16.38 -3.95
N ARG B 180 -12.38 -15.54 -4.81
CA ARG B 180 -13.81 -15.63 -5.22
C ARG B 180 -13.97 -16.90 -6.07
N ALA B 181 -12.95 -17.27 -6.86
CA ALA B 181 -12.94 -18.50 -7.70
C ALA B 181 -12.91 -19.74 -6.80
N LEU B 182 -12.05 -19.74 -5.79
CA LEU B 182 -11.98 -20.86 -4.81
C LEU B 182 -13.30 -20.95 -4.04
N ASP B 183 -13.88 -19.81 -3.64
N ASP B 183 -13.84 -19.80 -3.59
CA ASP B 183 -15.15 -19.80 -2.87
CA ASP B 183 -15.17 -19.69 -2.91
C ASP B 183 -16.26 -20.37 -3.76
C ASP B 183 -16.21 -20.40 -3.78
N GLU B 184 -16.27 -20.00 -5.05
CA GLU B 184 -17.26 -20.52 -6.03
C GLU B 184 -17.08 -22.04 -6.15
N ALA B 185 -15.85 -22.54 -6.31
CA ALA B 185 -15.60 -23.98 -6.47
C ALA B 185 -16.12 -24.70 -5.21
N MET B 186 -15.86 -24.14 -4.02
CA MET B 186 -16.33 -24.77 -2.76
C MET B 186 -17.87 -24.77 -2.69
N ASN B 187 -18.51 -23.63 -2.96
N ASN B 187 -18.49 -23.67 -3.09
CA ASN B 187 -19.98 -23.48 -2.83
CA ASN B 187 -19.96 -23.49 -3.03
C ASN B 187 -20.68 -24.42 -3.83
C ASN B 187 -20.61 -24.38 -4.11
N LYS B 188 -20.05 -24.64 -5.00
N LYS B 188 -19.92 -24.65 -5.23
CA LYS B 188 -20.59 -25.42 -6.14
CA LYS B 188 -20.48 -25.49 -6.32
C LYS B 188 -20.67 -26.91 -5.78
C LYS B 188 -20.62 -26.95 -5.86
N LEU B 189 -19.81 -27.39 -4.87
CA LEU B 189 -19.80 -28.80 -4.38
C LEU B 189 -21.17 -29.22 -3.87
N GLN B 190 -21.91 -28.31 -3.22
CA GLN B 190 -23.16 -28.66 -2.52
C GLN B 190 -24.36 -28.44 -3.44
N ARG B 191 -24.18 -27.92 -4.65
CA ARG B 191 -25.34 -27.57 -5.53
C ARG B 191 -25.92 -28.85 -6.15
N ALA B 192 -27.14 -29.19 -5.74
CA ALA B 192 -27.96 -30.29 -6.30
C ALA B 192 -28.21 -30.04 -7.79
N ASN B 193 -28.59 -28.80 -8.12
N ASN B 193 -28.69 -28.84 -8.15
CA ASN B 193 -28.96 -28.37 -9.50
CA ASN B 193 -28.93 -28.47 -9.57
C ASN B 193 -28.02 -27.26 -9.92
C ASN B 193 -28.01 -27.29 -9.90
N PRO B 194 -26.79 -27.57 -10.39
CA PRO B 194 -25.83 -26.52 -10.75
C PRO B 194 -26.33 -25.55 -11.82
N ASP B 195 -27.34 -25.94 -12.63
CA ASP B 195 -27.87 -25.14 -13.76
C ASP B 195 -29.16 -24.39 -13.39
N ASP B 196 -29.56 -24.40 -12.11
CA ASP B 196 -30.62 -23.51 -11.55
C ASP B 196 -30.22 -22.06 -11.86
N PRO B 197 -31.13 -21.23 -12.43
CA PRO B 197 -30.78 -19.85 -12.82
C PRO B 197 -30.32 -18.97 -11.64
N ALA B 198 -30.62 -19.39 -10.40
CA ALA B 198 -30.10 -18.78 -9.15
C ALA B 198 -28.57 -18.68 -9.23
N TYR B 199 -27.89 -19.50 -10.05
CA TYR B 199 -26.40 -19.55 -10.11
C TYR B 199 -25.87 -18.89 -11.40
N ASP B 200 -26.74 -18.33 -12.24
CA ASP B 200 -26.29 -17.68 -13.51
C ASP B 200 -25.23 -16.61 -13.20
N GLU B 201 -25.47 -15.80 -12.17
CA GLU B 201 -24.58 -14.68 -11.76
C GLU B 201 -23.27 -15.25 -11.21
N ASN B 202 -23.32 -16.32 -10.42
CA ASN B 202 -22.10 -17.01 -9.92
C ASN B 202 -21.24 -17.43 -11.13
N LYS B 203 -21.85 -17.98 -12.18
CA LYS B 203 -21.10 -18.49 -13.36
C LYS B 203 -20.45 -17.32 -14.10
N ARG B 204 -21.19 -16.22 -14.27
N ARG B 204 -21.20 -16.23 -14.26
CA ARG B 204 -20.69 -14.97 -14.89
CA ARG B 204 -20.72 -14.95 -14.88
C ARG B 204 -19.46 -14.48 -14.11
C ARG B 204 -19.49 -14.46 -14.11
N GLN B 205 -19.58 -14.38 -12.78
CA GLN B 205 -18.52 -13.89 -11.89
C GLN B 205 -17.30 -14.82 -11.97
N PHE B 206 -17.53 -16.14 -12.03
CA PHE B 206 -16.46 -17.16 -12.14
C PHE B 206 -15.67 -16.96 -13.44
N GLN B 207 -16.36 -16.80 -14.57
CA GLN B 207 -15.69 -16.56 -15.89
C GLN B 207 -14.89 -15.26 -15.79
N GLU B 208 -15.43 -14.23 -15.14
CA GLU B 208 -14.77 -12.91 -14.98
C GLU B 208 -13.49 -13.10 -14.15
N ASP B 209 -13.56 -13.87 -13.06
CA ASP B 209 -12.42 -14.10 -12.15
C ASP B 209 -11.33 -14.88 -12.90
N ILE B 210 -11.70 -15.85 -13.74
CA ILE B 210 -10.72 -16.63 -14.56
C ILE B 210 -10.00 -15.66 -15.51
N LYS B 211 -10.72 -14.74 -16.11
CA LYS B 211 -10.17 -13.73 -17.05
C LYS B 211 -9.15 -12.85 -16.32
N VAL B 212 -9.48 -12.40 -15.09
CA VAL B 212 -8.57 -11.55 -14.26
C VAL B 212 -7.25 -12.32 -14.02
N MET B 213 -7.35 -13.61 -13.72
N MET B 213 -7.34 -13.61 -13.65
CA MET B 213 -6.16 -14.45 -13.38
CA MET B 213 -6.15 -14.47 -13.43
C MET B 213 -5.32 -14.68 -14.66
C MET B 213 -5.31 -14.46 -14.71
N ASN B 214 -5.95 -14.81 -15.82
CA ASN B 214 -5.27 -14.97 -17.14
C ASN B 214 -4.66 -13.64 -17.61
N ASP B 215 -5.30 -12.51 -17.32
CA ASP B 215 -4.71 -11.17 -17.62
C ASP B 215 -3.39 -11.02 -16.85
N LEU B 216 -3.32 -11.48 -15.60
CA LEU B 216 -2.05 -11.39 -14.83
C LEU B 216 -0.99 -12.31 -15.44
N VAL B 217 -1.37 -13.53 -15.81
CA VAL B 217 -0.46 -14.47 -16.53
C VAL B 217 0.10 -13.80 -17.79
N ASP B 218 -0.73 -13.12 -18.59
CA ASP B 218 -0.28 -12.41 -19.81
C ASP B 218 0.85 -11.43 -19.45
N LYS B 219 0.67 -10.65 -18.37
CA LYS B 219 1.63 -9.61 -17.92
C LYS B 219 2.95 -10.28 -17.53
N ILE B 220 2.90 -11.37 -16.78
CA ILE B 220 4.14 -12.08 -16.33
C ILE B 220 4.88 -12.58 -17.58
N ILE B 221 4.16 -13.20 -18.51
N ILE B 221 4.15 -13.21 -18.50
CA ILE B 221 4.77 -13.75 -19.76
CA ILE B 221 4.72 -13.74 -19.78
C ILE B 221 5.38 -12.58 -20.53
C ILE B 221 5.36 -12.59 -20.55
N ALA B 222 4.64 -11.47 -20.71
CA ALA B 222 5.12 -10.25 -21.42
C ALA B 222 6.35 -9.66 -20.73
N ASP B 223 6.37 -9.61 -19.40
CA ASP B 223 7.51 -9.08 -18.60
C ASP B 223 8.75 -9.91 -18.90
N ARG B 224 8.63 -11.25 -18.91
CA ARG B 224 9.79 -12.15 -19.17
C ARG B 224 10.27 -12.03 -20.61
N LYS B 225 9.36 -11.97 -21.59
CA LYS B 225 9.70 -11.81 -23.03
C LYS B 225 10.53 -10.53 -23.23
N ALA B 226 10.13 -9.44 -22.56
CA ALA B 226 10.71 -8.08 -22.71
C ALA B 226 11.96 -7.91 -21.84
N SER B 227 12.15 -8.81 -20.86
CA SER B 227 13.20 -8.73 -19.80
C SER B 227 14.56 -8.44 -20.42
N GLY B 228 15.09 -9.37 -21.24
CA GLY B 228 16.46 -9.28 -21.79
C GLY B 228 17.52 -9.52 -20.72
N GLU B 229 17.08 -9.78 -19.49
CA GLU B 229 17.91 -10.05 -18.28
C GLU B 229 17.94 -11.57 -18.10
N GLN B 230 19.13 -12.16 -17.94
CA GLN B 230 19.27 -13.64 -17.81
C GLN B 230 18.82 -14.08 -16.41
N SER B 231 17.57 -14.51 -16.28
CA SER B 231 16.99 -15.16 -15.06
C SER B 231 17.25 -16.66 -15.12
N ASP B 232 17.30 -17.33 -13.96
CA ASP B 232 17.24 -18.82 -13.89
C ASP B 232 16.33 -19.23 -12.73
N ASP B 233 15.01 -19.16 -12.98
CA ASP B 233 13.97 -19.43 -11.98
C ASP B 233 12.92 -20.39 -12.56
N LEU B 234 11.83 -20.55 -11.84
CA LEU B 234 10.73 -21.47 -12.24
C LEU B 234 10.24 -21.11 -13.67
N LEU B 235 10.06 -19.83 -13.97
CA LEU B 235 9.57 -19.44 -15.32
C LEU B 235 10.63 -19.76 -16.39
N THR B 236 11.92 -19.64 -16.07
CA THR B 236 13.00 -20.01 -17.02
C THR B 236 12.82 -21.49 -17.41
N HIS B 237 12.64 -22.36 -16.42
CA HIS B 237 12.47 -23.82 -16.63
C HIS B 237 11.18 -24.07 -17.44
N MET B 238 10.08 -23.37 -17.12
CA MET B 238 8.80 -23.55 -17.85
C MET B 238 9.05 -23.22 -19.33
N LEU B 239 9.77 -22.13 -19.64
CA LEU B 239 9.91 -21.64 -21.04
C LEU B 239 10.99 -22.42 -21.78
N ASN B 240 12.05 -22.90 -21.11
CA ASN B 240 13.27 -23.40 -21.81
C ASN B 240 13.56 -24.88 -21.47
N GLY B 241 13.06 -25.38 -20.35
CA GLY B 241 13.42 -26.73 -19.86
C GLY B 241 12.88 -27.81 -20.76
N LYS B 242 13.64 -28.88 -20.95
CA LYS B 242 13.22 -30.05 -21.77
C LYS B 242 13.05 -31.26 -20.85
N ASP B 243 11.98 -32.00 -21.07
CA ASP B 243 11.72 -33.27 -20.36
C ASP B 243 12.72 -34.30 -20.87
N PRO B 244 13.57 -34.90 -20.03
CA PRO B 244 14.54 -35.87 -20.53
C PRO B 244 13.88 -37.10 -21.19
N GLU B 245 12.66 -37.46 -20.78
CA GLU B 245 11.94 -38.65 -21.32
C GLU B 245 11.49 -38.34 -22.76
N THR B 246 10.59 -37.37 -22.95
CA THR B 246 10.06 -37.03 -24.30
C THR B 246 11.06 -36.18 -25.11
N GLY B 247 11.97 -35.47 -24.43
CA GLY B 247 12.87 -34.48 -25.03
C GLY B 247 12.19 -33.15 -25.31
N GLU B 248 10.92 -33.00 -24.94
CA GLU B 248 10.06 -31.85 -25.33
C GLU B 248 10.02 -30.81 -24.21
N PRO B 249 9.88 -29.51 -24.56
CA PRO B 249 9.54 -28.50 -23.57
C PRO B 249 8.01 -28.47 -23.39
N LEU B 250 7.52 -27.74 -22.40
CA LEU B 250 6.07 -27.48 -22.23
C LEU B 250 5.57 -26.60 -23.37
N ASP B 251 4.32 -26.80 -23.79
CA ASP B 251 3.65 -25.90 -24.78
C ASP B 251 3.07 -24.69 -24.04
N ASP B 252 2.77 -23.63 -24.79
CA ASP B 252 2.28 -22.34 -24.28
C ASP B 252 1.04 -22.55 -23.39
N GLU B 253 0.11 -23.39 -23.82
CA GLU B 253 -1.17 -23.60 -23.07
C GLU B 253 -0.83 -24.16 -21.69
N ASN B 254 0.01 -25.18 -21.64
CA ASN B 254 0.35 -25.83 -20.34
C ASN B 254 1.16 -24.84 -19.48
N ILE B 255 2.06 -24.06 -20.06
CA ILE B 255 2.80 -23.03 -19.29
C ILE B 255 1.79 -22.10 -18.60
N ARG B 256 0.74 -21.64 -19.31
CA ARG B 256 -0.22 -20.68 -18.68
C ARG B 256 -0.86 -21.35 -17.46
N TYR B 257 -1.23 -22.62 -17.58
CA TYR B 257 -1.83 -23.38 -16.44
C TYR B 257 -0.82 -23.52 -15.30
N GLN B 258 0.46 -23.79 -15.59
CA GLN B 258 1.47 -23.93 -14.50
C GLN B 258 1.63 -22.60 -13.78
N ILE B 259 1.61 -21.49 -14.50
CA ILE B 259 1.79 -20.17 -13.84
C ILE B 259 0.62 -19.96 -12.87
N ILE B 260 -0.61 -20.15 -13.33
CA ILE B 260 -1.80 -20.00 -12.44
C ILE B 260 -1.66 -20.96 -11.25
N THR B 261 -1.31 -22.21 -11.52
CA THR B 261 -1.17 -23.24 -10.46
C THR B 261 -0.15 -22.76 -9.40
N PHE B 262 1.04 -22.38 -9.83
CA PHE B 262 2.12 -22.03 -8.88
C PHE B 262 1.78 -20.73 -8.12
N LEU B 263 1.12 -19.77 -8.77
CA LEU B 263 0.76 -18.52 -8.05
C LEU B 263 -0.25 -18.83 -6.96
N ILE B 264 -1.24 -19.69 -7.25
CA ILE B 264 -2.30 -20.01 -6.26
C ILE B 264 -1.77 -20.93 -5.17
N ALA B 265 -1.25 -22.10 -5.58
CA ALA B 265 -0.76 -23.17 -4.68
C ALA B 265 0.46 -22.65 -3.96
N GLY B 266 1.24 -21.82 -4.62
CA GLY B 266 2.55 -21.37 -4.13
C GLY B 266 2.44 -20.27 -3.10
N HIS B 267 1.23 -19.80 -2.78
CA HIS B 267 1.04 -18.81 -1.69
C HIS B 267 -0.16 -19.05 -0.76
N GLU B 268 -1.30 -19.58 -1.25
N GLU B 268 -1.29 -19.57 -1.27
CA GLU B 268 -2.53 -19.70 -0.41
CA GLU B 268 -2.54 -19.73 -0.46
C GLU B 268 -2.24 -20.61 0.80
C GLU B 268 -2.23 -20.60 0.78
N THR B 269 -1.64 -21.76 0.56
CA THR B 269 -1.38 -22.75 1.63
C THR B 269 -0.32 -22.21 2.61
N THR B 270 0.69 -21.51 2.09
CA THR B 270 1.82 -21.02 2.92
C THR B 270 1.31 -19.86 3.80
N SER B 271 0.41 -19.01 3.28
N SER B 271 0.44 -19.02 3.25
CA SER B 271 -0.17 -17.91 4.09
CA SER B 271 -0.20 -17.93 4.03
C SER B 271 -1.03 -18.51 5.23
C SER B 271 -0.96 -18.56 5.21
N GLY B 272 -1.76 -19.59 4.94
CA GLY B 272 -2.49 -20.31 5.99
C GLY B 272 -1.54 -20.85 7.04
N LEU B 273 -0.45 -21.50 6.63
CA LEU B 273 0.49 -22.10 7.60
C LEU B 273 1.04 -21.01 8.51
N LEU B 274 1.53 -19.91 7.95
CA LEU B 274 2.13 -18.85 8.79
C LEU B 274 1.07 -18.31 9.74
N SER B 275 -0.17 -18.11 9.26
CA SER B 275 -1.28 -17.57 10.08
C SER B 275 -1.58 -18.54 11.24
N PHE B 276 -1.73 -19.82 10.95
CA PHE B 276 -1.98 -20.83 12.02
C PHE B 276 -0.78 -20.89 12.98
N ALA B 277 0.44 -20.85 12.46
CA ALA B 277 1.64 -20.93 13.32
C ALA B 277 1.63 -19.74 14.29
N LEU B 278 1.39 -18.53 13.82
CA LEU B 278 1.41 -17.37 14.74
C LEU B 278 0.23 -17.47 15.73
N TYR B 279 -0.93 -17.95 15.28
CA TYR B 279 -2.09 -18.20 16.19
C TYR B 279 -1.63 -19.14 17.32
N PHE B 280 -1.09 -20.31 16.97
CA PHE B 280 -0.71 -21.28 18.02
C PHE B 280 0.38 -20.70 18.93
N LEU B 281 1.31 -19.92 18.38
CA LEU B 281 2.36 -19.34 19.24
C LEU B 281 1.75 -18.38 20.24
N VAL B 282 0.84 -17.48 19.84
CA VAL B 282 0.31 -16.50 20.84
C VAL B 282 -0.60 -17.23 21.85
N LYS B 283 -1.17 -18.39 21.49
CA LYS B 283 -2.05 -19.17 22.40
C LYS B 283 -1.21 -20.10 23.29
N ASN B 284 0.10 -20.22 23.04
CA ASN B 284 0.97 -21.18 23.77
C ASN B 284 2.28 -20.50 24.14
N PRO B 285 2.25 -19.61 25.15
CA PRO B 285 3.39 -18.77 25.47
C PRO B 285 4.70 -19.52 25.77
N HIS B 286 4.63 -20.74 26.36
CA HIS B 286 5.86 -21.53 26.62
C HIS B 286 6.53 -21.85 25.28
N VAL B 287 5.72 -22.19 24.28
CA VAL B 287 6.23 -22.54 22.93
C VAL B 287 6.77 -21.29 22.25
N LEU B 288 6.06 -20.17 22.34
CA LEU B 288 6.51 -18.88 21.79
C LEU B 288 7.87 -18.52 22.38
N GLN B 289 8.06 -18.71 23.68
CA GLN B 289 9.35 -18.37 24.35
C GLN B 289 10.48 -19.22 23.73
N LYS B 290 10.26 -20.53 23.54
CA LYS B 290 11.30 -21.44 23.02
C LYS B 290 11.60 -21.06 21.57
N ALA B 291 10.58 -20.73 20.77
CA ALA B 291 10.81 -20.36 19.37
C ALA B 291 11.55 -19.02 19.29
N ALA B 292 11.18 -18.05 20.12
CA ALA B 292 11.79 -16.70 20.12
C ALA B 292 13.25 -16.80 20.57
N GLU B 293 13.56 -17.63 21.56
CA GLU B 293 14.96 -17.86 22.02
C GLU B 293 15.79 -18.33 20.83
N GLU B 294 15.27 -19.32 20.11
CA GLU B 294 16.04 -19.88 18.97
C GLU B 294 16.26 -18.80 17.91
N ALA B 295 15.22 -18.04 17.57
CA ALA B 295 15.32 -17.00 16.53
C ALA B 295 16.41 -15.99 16.92
N ALA B 296 16.43 -15.54 18.17
CA ALA B 296 17.39 -14.54 18.67
C ALA B 296 18.82 -15.10 18.64
N ARG B 297 19.00 -16.37 18.98
CA ARG B 297 20.33 -17.01 19.11
C ARG B 297 20.92 -17.27 17.72
N VAL B 298 20.08 -17.69 16.77
CA VAL B 298 20.56 -18.18 15.46
C VAL B 298 20.66 -17.02 14.45
N LEU B 299 19.67 -16.14 14.41
CA LEU B 299 19.63 -15.05 13.40
C LEU B 299 20.44 -13.85 13.90
N VAL B 300 21.76 -14.00 13.95
CA VAL B 300 22.68 -12.99 14.58
C VAL B 300 22.97 -11.84 13.62
N ASP B 301 22.61 -11.96 12.34
CA ASP B 301 22.92 -10.95 11.29
C ASP B 301 21.64 -10.26 10.85
N PRO B 302 21.71 -8.96 10.49
CA PRO B 302 20.52 -8.24 10.04
C PRO B 302 19.85 -8.89 8.83
N VAL B 303 20.63 -9.53 7.96
CA VAL B 303 20.16 -10.29 6.77
C VAL B 303 20.38 -11.79 7.05
N PRO B 304 19.32 -12.57 7.35
CA PRO B 304 19.50 -14.01 7.57
C PRO B 304 20.05 -14.73 6.34
N SER B 305 20.97 -15.66 6.57
CA SER B 305 21.57 -16.51 5.53
C SER B 305 20.75 -17.79 5.37
N TYR B 306 20.94 -18.47 4.24
CA TYR B 306 20.38 -19.80 3.99
C TYR B 306 20.74 -20.76 5.14
N LYS B 307 22.02 -20.80 5.52
CA LYS B 307 22.54 -21.74 6.57
C LYS B 307 21.85 -21.43 7.89
N GLN B 308 21.64 -20.15 8.22
CA GLN B 308 20.99 -19.78 9.51
C GLN B 308 19.55 -20.28 9.52
N VAL B 309 18.81 -20.14 8.41
CA VAL B 309 17.40 -20.62 8.37
C VAL B 309 17.39 -22.13 8.62
N LYS B 310 18.36 -22.87 8.08
CA LYS B 310 18.42 -24.33 8.26
C LYS B 310 18.66 -24.68 9.74
N GLN B 311 19.24 -23.77 10.52
N GLN B 311 19.24 -23.77 10.53
CA GLN B 311 19.54 -23.98 11.97
CA GLN B 311 19.54 -23.97 11.97
C GLN B 311 18.32 -23.71 12.85
C GLN B 311 18.32 -23.70 12.85
N LEU B 312 17.21 -23.19 12.30
CA LEU B 312 15.99 -22.89 13.10
C LEU B 312 15.17 -24.19 13.26
N LYS B 313 15.73 -25.13 14.01
N LYS B 313 15.70 -25.15 14.01
CA LYS B 313 15.13 -26.48 14.20
CA LYS B 313 15.08 -26.49 14.15
C LYS B 313 13.75 -26.34 14.87
C LYS B 313 13.73 -26.37 14.87
N TYR B 314 13.67 -25.63 15.99
CA TYR B 314 12.41 -25.51 16.78
C TYR B 314 11.35 -24.74 15.98
N VAL B 315 11.76 -23.71 15.25
CA VAL B 315 10.83 -22.99 14.35
C VAL B 315 10.26 -24.00 13.34
N GLY B 316 11.08 -24.87 12.77
CA GLY B 316 10.62 -25.94 11.88
C GLY B 316 9.63 -26.87 12.57
N MET B 317 9.86 -27.19 13.85
CA MET B 317 8.95 -28.07 14.63
C MET B 317 7.61 -27.35 14.87
N VAL B 318 7.63 -26.05 15.11
CA VAL B 318 6.39 -25.24 15.26
C VAL B 318 5.58 -25.33 13.96
N LEU B 319 6.23 -25.15 12.81
CA LEU B 319 5.51 -25.18 11.52
C LEU B 319 4.94 -26.59 11.29
N ASN B 320 5.71 -27.65 11.60
CA ASN B 320 5.19 -29.03 11.44
C ASN B 320 3.98 -29.24 12.37
N GLU B 321 4.00 -28.71 13.59
CA GLU B 321 2.90 -28.93 14.57
C GLU B 321 1.67 -28.14 14.11
N ALA B 322 1.86 -26.97 13.48
CA ALA B 322 0.74 -26.21 12.88
C ALA B 322 0.16 -26.99 11.69
N LEU B 323 1.01 -27.59 10.87
CA LEU B 323 0.54 -28.46 9.75
C LEU B 323 -0.15 -29.71 10.30
N ARG B 324 0.24 -30.20 11.49
CA ARG B 324 -0.42 -31.39 12.08
C ARG B 324 -1.87 -31.01 12.37
N LEU B 325 -2.08 -29.92 13.09
CA LEU B 325 -3.45 -29.58 13.55
C LEU B 325 -4.27 -29.03 12.39
N TRP B 326 -3.70 -28.16 11.58
CA TRP B 326 -4.49 -27.49 10.51
C TRP B 326 -3.71 -27.51 9.20
N PRO B 327 -3.60 -28.68 8.56
CA PRO B 327 -3.02 -28.75 7.22
C PRO B 327 -3.87 -27.93 6.24
N THR B 328 -3.24 -27.01 5.51
CA THR B 328 -3.97 -25.90 4.86
C THR B 328 -4.51 -26.34 3.51
N ALA B 329 -4.03 -27.44 2.95
CA ALA B 329 -4.67 -28.17 1.84
C ALA B 329 -5.23 -29.45 2.43
N PRO B 330 -6.44 -29.42 3.02
CA PRO B 330 -6.77 -30.37 4.08
C PRO B 330 -7.25 -31.76 3.64
N ALA B 331 -7.27 -32.03 2.34
CA ALA B 331 -7.65 -33.37 1.87
C ALA B 331 -7.03 -33.64 0.53
N PHE B 332 -6.87 -34.91 0.21
CA PHE B 332 -6.56 -35.37 -1.16
C PHE B 332 -7.38 -36.63 -1.43
N SER B 333 -7.55 -36.88 -2.71
CA SER B 333 -8.44 -37.93 -3.23
C SER B 333 -7.62 -38.99 -3.95
N LEU B 334 -8.08 -40.23 -3.85
CA LEU B 334 -7.44 -41.42 -4.46
C LEU B 334 -8.51 -42.26 -5.14
N TYR B 335 -8.12 -43.03 -6.15
CA TYR B 335 -9.00 -44.06 -6.76
C TYR B 335 -8.25 -45.38 -6.75
N ALA B 336 -9.00 -46.47 -6.59
CA ALA B 336 -8.46 -47.86 -6.67
C ALA B 336 -8.08 -48.19 -8.12
N LYS B 337 -6.83 -48.56 -8.36
CA LYS B 337 -6.34 -48.93 -9.72
C LYS B 337 -6.99 -50.26 -10.16
N GLU B 338 -7.26 -51.12 -9.19
CA GLU B 338 -7.86 -52.47 -9.39
C GLU B 338 -8.75 -52.79 -8.19
N ASP B 339 -9.62 -53.78 -8.33
CA ASP B 339 -10.34 -54.37 -7.18
C ASP B 339 -9.31 -54.65 -6.09
N THR B 340 -9.62 -54.30 -4.86
CA THR B 340 -8.70 -54.48 -3.71
C THR B 340 -9.54 -54.41 -2.44
N VAL B 341 -9.00 -54.92 -1.35
CA VAL B 341 -9.69 -54.92 -0.05
C VAL B 341 -8.89 -54.01 0.87
N LEU B 342 -9.54 -52.96 1.37
CA LEU B 342 -8.94 -51.99 2.30
C LEU B 342 -9.08 -52.50 3.73
N GLY B 343 -7.96 -52.61 4.44
CA GLY B 343 -7.92 -52.93 5.88
C GLY B 343 -8.40 -54.34 6.20
N GLY B 344 -8.36 -55.26 5.22
CA GLY B 344 -8.89 -56.63 5.36
C GLY B 344 -10.40 -56.65 5.57
N GLU B 345 -11.10 -55.53 5.37
CA GLU B 345 -12.51 -55.36 5.83
C GLU B 345 -13.39 -54.72 4.76
N TYR B 346 -12.88 -53.80 3.94
CA TYR B 346 -13.69 -52.97 3.01
C TYR B 346 -13.29 -53.28 1.57
N PRO B 347 -14.06 -54.14 0.86
CA PRO B 347 -13.76 -54.46 -0.53
C PRO B 347 -14.07 -53.24 -1.39
N LEU B 348 -13.14 -52.90 -2.27
CA LEU B 348 -13.30 -51.80 -3.25
C LEU B 348 -13.20 -52.39 -4.65
N GLU B 349 -13.97 -51.83 -5.57
CA GLU B 349 -13.91 -52.13 -7.01
C GLU B 349 -12.99 -51.10 -7.69
N LYS B 350 -12.35 -51.53 -8.77
CA LYS B 350 -11.57 -50.63 -9.66
C LYS B 350 -12.35 -49.32 -9.87
N GLY B 351 -11.70 -48.19 -9.62
CA GLY B 351 -12.26 -46.85 -9.87
C GLY B 351 -12.91 -46.24 -8.65
N ASP B 352 -13.11 -47.01 -7.57
CA ASP B 352 -13.73 -46.53 -6.31
C ASP B 352 -12.85 -45.41 -5.73
N GLU B 353 -13.50 -44.35 -5.25
CA GLU B 353 -12.82 -43.13 -4.75
C GLU B 353 -12.71 -43.14 -3.22
N LEU B 354 -11.61 -42.57 -2.75
CA LEU B 354 -11.30 -42.33 -1.32
C LEU B 354 -10.99 -40.84 -1.15
N MET B 355 -11.35 -40.30 0.01
CA MET B 355 -10.92 -38.95 0.43
C MET B 355 -10.10 -39.14 1.70
N VAL B 356 -8.88 -38.64 1.71
CA VAL B 356 -8.03 -38.64 2.92
C VAL B 356 -8.31 -37.34 3.66
N LEU B 357 -8.85 -37.44 4.87
N LEU B 357 -8.90 -37.41 4.86
CA LEU B 357 -9.15 -36.27 5.70
CA LEU B 357 -9.17 -36.21 5.71
C LEU B 357 -7.92 -35.98 6.56
C LEU B 357 -7.95 -35.93 6.57
N ILE B 358 -7.02 -35.12 6.07
CA ILE B 358 -5.68 -34.97 6.68
C ILE B 358 -5.81 -34.53 8.14
N PRO B 359 -6.68 -33.55 8.49
CA PRO B 359 -6.77 -33.10 9.88
C PRO B 359 -7.15 -34.26 10.82
N GLN B 360 -7.97 -35.20 10.34
CA GLN B 360 -8.38 -36.36 11.19
C GLN B 360 -7.24 -37.37 11.31
N LEU B 361 -6.55 -37.65 10.21
CA LEU B 361 -5.33 -38.49 10.24
C LEU B 361 -4.42 -37.97 11.36
N HIS B 362 -4.25 -36.66 11.43
CA HIS B 362 -3.28 -35.99 12.32
C HIS B 362 -3.78 -35.97 13.76
N ARG B 363 -5.01 -36.44 14.00
CA ARG B 363 -5.61 -36.54 15.35
C ARG B 363 -5.82 -38.02 15.72
N ASP B 364 -5.20 -38.94 15.00
CA ASP B 364 -5.28 -40.40 15.29
C ASP B 364 -4.58 -40.67 16.63
N LYS B 365 -5.36 -40.91 17.68
CA LYS B 365 -4.83 -41.08 19.05
C LYS B 365 -3.97 -42.34 19.13
N THR B 366 -4.19 -43.34 18.26
CA THR B 366 -3.37 -44.59 18.25
C THR B 366 -1.94 -44.27 17.81
N ILE B 367 -1.74 -43.17 17.08
CA ILE B 367 -0.41 -42.72 16.57
C ILE B 367 0.18 -41.68 17.52
N TRP B 368 -0.58 -40.64 17.84
CA TRP B 368 -0.06 -39.39 18.47
C TRP B 368 -0.23 -39.40 19.98
N GLY B 369 -1.05 -40.28 20.55
CA GLY B 369 -1.38 -40.28 21.98
C GLY B 369 -2.66 -39.53 22.23
N ASP B 370 -3.04 -39.36 23.49
CA ASP B 370 -4.40 -38.87 23.88
C ASP B 370 -4.51 -37.36 23.64
N ASP B 371 -3.40 -36.65 23.76
CA ASP B 371 -3.30 -35.16 23.82
C ASP B 371 -3.28 -34.56 22.39
N VAL B 372 -4.01 -35.11 21.41
CA VAL B 372 -3.86 -34.71 19.97
C VAL B 372 -4.24 -33.24 19.74
N GLU B 373 -5.08 -32.65 20.59
CA GLU B 373 -5.55 -31.25 20.36
C GLU B 373 -4.53 -30.24 20.90
N GLU B 374 -3.54 -30.70 21.67
N GLU B 374 -3.55 -30.70 21.68
CA GLU B 374 -2.53 -29.78 22.26
CA GLU B 374 -2.48 -29.85 22.26
C GLU B 374 -1.45 -29.46 21.22
C GLU B 374 -1.47 -29.45 21.18
N PHE B 375 -0.99 -28.21 21.23
CA PHE B 375 0.06 -27.68 20.35
C PHE B 375 1.40 -27.90 21.05
N ARG B 376 2.09 -28.94 20.62
N ARG B 376 2.12 -28.92 20.61
CA ARG B 376 3.34 -29.45 21.24
CA ARG B 376 3.36 -29.40 21.28
C ARG B 376 4.32 -29.70 20.11
C ARG B 376 4.39 -29.71 20.21
N PRO B 377 5.13 -28.70 19.71
CA PRO B 377 6.16 -28.92 18.69
C PRO B 377 7.16 -30.05 19.03
N GLU B 378 7.33 -30.35 20.32
CA GLU B 378 8.28 -31.37 20.82
C GLU B 378 7.93 -32.76 20.24
N ARG B 379 6.71 -32.96 19.76
CA ARG B 379 6.33 -34.21 19.04
C ARG B 379 7.29 -34.48 17.89
N PHE B 380 7.86 -33.43 17.30
CA PHE B 380 8.71 -33.50 16.09
C PHE B 380 10.19 -33.42 16.45
N GLU B 381 10.54 -33.50 17.73
CA GLU B 381 11.95 -33.38 18.22
C GLU B 381 12.83 -34.36 17.45
N ASN B 382 12.34 -35.60 17.34
CA ASN B 382 13.04 -36.75 16.73
C ASN B 382 12.20 -37.28 15.57
N PRO B 383 12.51 -36.91 14.32
CA PRO B 383 11.64 -37.22 13.18
C PRO B 383 11.55 -38.74 12.93
N SER B 384 12.57 -39.50 13.36
CA SER B 384 12.65 -40.99 13.30
C SER B 384 11.42 -41.62 13.98
N ALA B 385 10.87 -40.97 14.99
CA ALA B 385 9.81 -41.50 15.89
C ALA B 385 8.41 -41.34 15.26
N ILE B 386 8.26 -40.56 14.18
CA ILE B 386 6.94 -40.41 13.49
C ILE B 386 6.71 -41.64 12.64
N PRO B 387 5.68 -42.48 12.91
CA PRO B 387 5.38 -43.64 12.08
C PRO B 387 5.15 -43.23 10.61
N GLN B 388 5.52 -44.10 9.68
CA GLN B 388 5.27 -43.93 8.23
C GLN B 388 3.78 -43.68 7.99
N HIS B 389 3.47 -42.69 7.15
CA HIS B 389 2.12 -42.29 6.66
C HIS B 389 1.24 -41.73 7.80
N ALA B 390 1.81 -41.38 8.95
CA ALA B 390 1.09 -40.69 10.05
C ALA B 390 0.92 -39.20 9.76
N PHE B 391 1.86 -38.60 9.04
CA PHE B 391 1.96 -37.13 8.89
C PHE B 391 2.02 -36.84 7.40
N LYS B 392 0.92 -36.31 6.83
CA LYS B 392 0.78 -36.19 5.36
C LYS B 392 0.26 -34.80 4.96
N PRO B 393 0.78 -33.69 5.51
CA PRO B 393 0.30 -32.38 5.08
C PRO B 393 0.67 -32.01 3.64
N PHE B 394 1.64 -32.75 3.05
CA PHE B 394 2.12 -32.52 1.66
C PHE B 394 1.66 -33.62 0.72
N GLY B 395 0.66 -34.41 1.11
CA GLY B 395 0.14 -35.46 0.23
C GLY B 395 1.05 -36.67 0.18
N ASN B 396 1.05 -37.38 -0.95
CA ASN B 396 1.64 -38.73 -1.00
C ASN B 396 2.39 -39.00 -2.30
N GLY B 397 3.55 -39.64 -2.16
CA GLY B 397 4.27 -40.30 -3.25
C GLY B 397 4.61 -39.35 -4.37
N GLN B 398 4.51 -39.82 -5.60
CA GLN B 398 4.95 -39.02 -6.77
C GLN B 398 4.02 -37.82 -6.94
N ARG B 399 2.82 -37.86 -6.36
CA ARG B 399 1.84 -36.74 -6.45
C ARG B 399 1.90 -35.87 -5.18
N ALA B 400 2.98 -35.99 -4.40
CA ALA B 400 3.19 -35.14 -3.22
C ALA B 400 3.50 -33.71 -3.67
N CYS B 401 3.33 -32.77 -2.77
CA CYS B 401 3.65 -31.35 -3.01
C CYS B 401 5.08 -31.16 -3.55
N ILE B 402 5.20 -30.57 -4.73
CA ILE B 402 6.53 -30.23 -5.31
C ILE B 402 7.14 -29.04 -4.56
N GLY B 403 6.30 -28.26 -3.87
CA GLY B 403 6.69 -26.99 -3.23
C GLY B 403 7.04 -27.12 -1.76
N GLN B 404 7.16 -28.34 -1.23
CA GLN B 404 7.29 -28.57 0.23
C GLN B 404 8.49 -27.80 0.80
N GLN B 405 9.66 -28.00 0.19
N GLN B 405 9.68 -28.01 0.22
CA GLN B 405 10.93 -27.41 0.68
CA GLN B 405 10.93 -27.39 0.73
C GLN B 405 10.87 -25.88 0.52
C GLN B 405 10.87 -25.87 0.52
N PHE B 406 10.29 -25.41 -0.58
CA PHE B 406 10.12 -23.95 -0.87
C PHE B 406 9.29 -23.32 0.25
N ALA B 407 8.10 -23.88 0.51
CA ALA B 407 7.16 -23.37 1.52
C ALA B 407 7.82 -23.39 2.90
N LEU B 408 8.46 -24.50 3.27
CA LEU B 408 9.02 -24.59 4.65
C LEU B 408 10.20 -23.63 4.79
N HIS B 409 11.02 -23.46 3.75
CA HIS B 409 12.15 -22.49 3.83
C HIS B 409 11.59 -21.07 4.02
N GLU B 410 10.65 -20.67 3.19
CA GLU B 410 10.01 -19.34 3.31
C GLU B 410 9.40 -19.18 4.71
N ALA B 411 8.60 -20.13 5.15
CA ALA B 411 7.84 -20.00 6.41
C ALA B 411 8.83 -19.98 7.59
N THR B 412 9.91 -20.76 7.54
CA THR B 412 10.90 -20.80 8.63
C THR B 412 11.65 -19.46 8.69
N LEU B 413 12.10 -18.96 7.54
CA LEU B 413 12.80 -17.64 7.45
C LEU B 413 11.91 -16.55 8.05
N VAL B 414 10.66 -16.48 7.60
CA VAL B 414 9.73 -15.38 7.93
C VAL B 414 9.34 -15.47 9.40
N LEU B 415 8.99 -16.66 9.86
CA LEU B 415 8.58 -16.80 11.29
C LEU B 415 9.80 -16.51 12.17
N GLY B 416 10.99 -16.95 11.76
CA GLY B 416 12.24 -16.63 12.47
C GLY B 416 12.44 -15.14 12.57
N MET B 417 12.27 -14.42 11.47
CA MET B 417 12.50 -12.94 11.50
C MET B 417 11.41 -12.29 12.35
N MET B 418 10.15 -12.74 12.24
CA MET B 418 9.05 -12.19 13.06
C MET B 418 9.38 -12.32 14.54
N LEU B 419 9.86 -13.49 14.95
CA LEU B 419 10.14 -13.78 16.37
C LEU B 419 11.39 -13.06 16.86
N LYS B 420 12.34 -12.81 15.96
CA LYS B 420 13.55 -12.03 16.29
C LYS B 420 13.17 -10.57 16.56
N HIS B 421 12.31 -10.00 15.72
CA HIS B 421 12.13 -8.53 15.66
C HIS B 421 10.99 -8.01 16.54
N PHE B 422 10.06 -8.86 16.96
CA PHE B 422 8.84 -8.41 17.71
C PHE B 422 8.46 -9.35 18.84
N ASP B 423 7.85 -8.74 19.87
CA ASP B 423 7.00 -9.46 20.84
C ASP B 423 5.56 -9.33 20.36
N PHE B 424 4.82 -10.43 20.41
CA PHE B 424 3.44 -10.53 19.91
C PHE B 424 2.47 -10.57 21.08
N GLU B 425 1.33 -9.88 20.91
CA GLU B 425 0.23 -9.82 21.89
C GLU B 425 -1.10 -10.18 21.20
N ASP B 426 -1.78 -11.18 21.73
CA ASP B 426 -3.16 -11.57 21.38
C ASP B 426 -4.11 -10.61 22.11
N HIS B 427 -4.13 -9.35 21.68
CA HIS B 427 -4.76 -8.24 22.44
C HIS B 427 -6.28 -8.38 22.45
N THR B 428 -6.87 -9.13 21.53
CA THR B 428 -8.35 -9.31 21.47
C THR B 428 -8.80 -10.65 22.08
N ASN B 429 -7.88 -11.49 22.56
N ASN B 429 -7.87 -11.48 22.53
CA ASN B 429 -8.22 -12.88 22.95
CA ASN B 429 -8.16 -12.88 22.95
C ASN B 429 -8.95 -13.54 21.78
C ASN B 429 -8.92 -13.55 21.81
N TYR B 430 -8.30 -13.56 20.62
CA TYR B 430 -8.92 -14.01 19.36
C TYR B 430 -9.50 -15.43 19.51
N GLU B 431 -10.75 -15.61 19.05
CA GLU B 431 -11.43 -16.93 19.00
C GLU B 431 -11.21 -17.49 17.59
N LEU B 432 -10.52 -18.60 17.48
CA LEU B 432 -10.17 -19.21 16.17
C LEU B 432 -11.45 -19.38 15.35
N ASP B 433 -11.41 -18.81 14.16
CA ASP B 433 -12.47 -18.91 13.13
C ASP B 433 -11.76 -19.30 11.84
N ILE B 434 -11.95 -20.53 11.40
CA ILE B 434 -11.23 -21.06 10.21
C ILE B 434 -12.11 -20.88 8.98
N LYS B 435 -11.71 -19.94 8.11
CA LYS B 435 -12.36 -19.73 6.81
C LYS B 435 -11.94 -20.86 5.85
N GLU B 436 -12.91 -21.34 5.11
CA GLU B 436 -12.70 -22.41 4.11
C GLU B 436 -12.91 -21.84 2.72
N THR B 437 -11.93 -22.08 1.84
CA THR B 437 -11.95 -21.78 0.39
C THR B 437 -11.32 -22.98 -0.32
N LEU B 438 -11.79 -24.19 0.02
CA LEU B 438 -11.07 -25.46 -0.23
C LEU B 438 -9.87 -25.52 0.72
N THR B 439 -8.96 -24.55 0.62
CA THR B 439 -7.87 -24.36 1.62
C THR B 439 -8.44 -23.78 2.92
N LEU B 440 -7.63 -23.82 3.98
CA LEU B 440 -8.02 -23.36 5.34
C LEU B 440 -7.11 -22.21 5.77
N LYS B 441 -7.69 -21.21 6.43
CA LYS B 441 -6.90 -20.09 6.98
C LYS B 441 -7.69 -19.46 8.11
N PRO B 442 -7.06 -18.98 9.20
CA PRO B 442 -7.76 -18.17 10.17
C PRO B 442 -8.35 -16.92 9.49
N GLU B 443 -9.53 -16.55 9.94
CA GLU B 443 -10.19 -15.28 9.54
C GLU B 443 -10.26 -14.35 10.76
N GLY B 444 -9.97 -13.07 10.55
CA GLY B 444 -10.13 -12.02 11.57
C GLY B 444 -9.06 -12.08 12.63
N PHE B 445 -7.99 -12.87 12.40
CA PHE B 445 -6.86 -13.01 13.34
C PHE B 445 -6.04 -11.71 13.31
N VAL B 446 -5.97 -11.04 14.46
CA VAL B 446 -5.25 -9.76 14.63
C VAL B 446 -4.37 -9.91 15.87
N VAL B 447 -3.22 -9.26 15.87
CA VAL B 447 -2.25 -9.22 17.00
C VAL B 447 -1.67 -7.80 17.04
N LYS B 448 -1.00 -7.47 18.13
CA LYS B 448 -0.13 -6.29 18.25
C LYS B 448 1.31 -6.81 18.30
N ALA B 449 2.21 -6.15 17.59
CA ALA B 449 3.66 -6.46 17.54
C ALA B 449 4.43 -5.29 18.13
N LYS B 450 5.08 -5.49 19.28
CA LYS B 450 5.95 -4.48 19.93
C LYS B 450 7.38 -4.77 19.48
N SER B 451 7.96 -3.84 18.73
CA SER B 451 9.34 -3.96 18.20
C SER B 451 10.34 -4.20 19.33
N LYS B 452 11.27 -5.13 19.13
CA LYS B 452 12.46 -5.31 19.99
C LYS B 452 13.55 -4.31 19.56
N LYS B 453 13.26 -3.49 18.54
CA LYS B 453 14.16 -2.40 18.06
C LYS B 453 15.50 -3.01 17.68
N ILE B 454 15.48 -4.12 16.95
CA ILE B 454 16.72 -4.76 16.42
C ILE B 454 16.88 -4.32 14.97
N PRO B 455 17.99 -3.64 14.60
CA PRO B 455 18.09 -3.10 13.25
C PRO B 455 18.11 -4.18 12.16
N LEU B 456 17.59 -3.79 10.98
CA LEU B 456 17.71 -4.56 9.72
C LEU B 456 18.93 -4.05 8.94
O36 MI9 C . 1.41 33.61 8.51
C34 MI9 C . 2.22 32.80 9.04
O35 MI9 C . 2.59 32.92 10.24
C33 MI9 C . 2.73 31.62 8.21
C32 MI9 C . 1.59 30.77 7.64
C27 MI9 C . 2.17 29.61 6.86
C28 MI9 C . 2.49 29.55 5.45
N24 MI9 C . 2.96 28.30 5.16
C29 MI9 C . 2.27 30.61 4.56
C30 MI9 C . 2.52 30.52 3.17
C08 MI9 C . 2.22 31.59 2.23
C09 MI9 C . 1.60 32.93 2.57
C10 MI9 C . 0.07 32.87 2.48
C11 MI9 C . -0.66 34.19 2.61
O13 MI9 C . -1.94 34.13 2.71
O12 MI9 C . -0.03 35.27 2.62
C06 MI9 C . 2.53 31.12 1.00
C07 MI9 C . 2.38 31.85 -0.32
N31 MI9 C . 3.02 29.47 2.48
C05 MI9 C . 3.09 29.80 1.18
C04 MI9 C . 3.58 28.99 0.12
C25 MI9 C . 2.48 28.38 7.37
C26 MI9 C . 2.28 27.95 8.80
C23 MI9 C . 3.04 27.58 6.31
C22 MI9 C . 3.47 26.24 6.50
C21 MI9 C . 4.13 25.54 5.48
C20 MI9 C . 4.88 24.31 5.69
C38 MI9 C . 4.88 23.60 7.04
C39 MI9 C . 6.23 23.61 7.68
C18 MI9 C . 5.42 23.90 4.50
C19 MI9 C . 6.23 22.66 4.27
N37 MI9 C . 4.30 25.88 4.20
C17 MI9 C . 5.04 24.94 3.55
C16 MI9 C . 5.36 24.89 2.18
C15 MI9 C . 5.00 25.89 1.26
N14 MI9 C . 4.30 27.05 1.51
C03 MI9 C . 4.21 27.75 0.33
C40 MI9 C . 5.30 25.84 -0.15
C41 MI9 C . 5.99 24.68 -0.92
C42 MI9 C . 7.40 24.97 -1.38
C02 MI9 C . 4.83 26.97 -0.73
C01 MI9 C . 4.89 27.38 -2.20
MO MI9 C . 3.38 27.55 3.29
O MI9 C . 1.81 26.76 2.91
C1 D0L D . -12.58 37.26 -5.08
C2 D0L D . -12.87 35.94 -4.75
C15 D0L D . -6.83 32.18 -4.09
C14 D0L D . -8.09 30.35 -5.18
C7 D0L D . -11.85 34.88 -5.03
C12 D0L D . -9.21 31.65 -6.87
C10 D0L D . -8.94 33.82 -5.63
C3 D0L D . -14.13 35.64 -4.19
C13 D0L D . -9.25 30.29 -6.14
C11 D0L D . -8.32 32.50 -5.96
C6 D0L D . -13.50 38.28 -4.83
C8 D0L D . -10.56 34.99 -4.21
C5 D0L D . -14.74 37.99 -4.29
C9 D0L D . -10.84 34.88 -2.72
C4 D0L D . -15.05 36.67 -3.98
O2 D0L D . -10.78 33.74 -2.19
O3 D0L D . -8.70 34.78 -6.35
O1 D0L D . -11.14 35.90 -2.07
N2 D0L D . -8.10 31.71 -4.73
C16 D0L D . -6.63 31.69 -2.67
C17 D0L D . -5.33 30.91 -2.59
C18 D0L D . -5.10 30.23 -1.25
C19 D0L D . -3.99 29.21 -1.43
C20 D0L D . -3.52 28.57 -0.13
C21 D0L D . -4.64 27.81 0.55
N1 D0L D . -9.74 33.84 -4.58
CAF SYN E . -4.39 24.97 2.59
CAF SYN E . -3.59 26.05 5.29
CAD SYN E . -3.60 24.70 1.49
CAD SYN E . -4.58 25.73 6.21
CAC SYN E . -2.28 25.08 1.45
CAC SYN E . -5.74 25.12 5.80
CAE SYN E . -1.73 25.74 2.52
CAE SYN E . -5.93 24.84 4.47
CAG SYN E . -2.50 26.01 3.64
CAG SYN E . -4.96 25.16 3.54
CAH SYN E . -3.84 25.63 3.70
CAH SYN E . -3.78 25.78 3.93
CAB SYN E . -4.67 25.92 4.88
CAB SYN E . -2.72 26.10 2.95
CAA SYN E . -4.27 26.39 6.03
CAA SYN E . -2.27 25.34 2.01
O36 MI9 F . 2.86 -32.98 -9.38
C34 MI9 F . 2.04 -32.79 -8.45
O35 MI9 F . 1.01 -33.50 -8.36
C33 MI9 F . 2.30 -31.69 -7.42
C32 MI9 F . 1.10 -30.71 -7.35
C27 MI9 F . 1.43 -29.61 -6.38
C28 MI9 F . 1.14 -29.55 -4.96
N24 MI9 F . 1.61 -28.38 -4.45
C29 MI9 F . 0.50 -30.60 -4.28
C30 MI9 F . 0.11 -30.50 -2.94
C08 MI9 F . -0.65 -31.53 -2.25
C09 MI9 F . -1.18 -32.83 -2.83
C10 MI9 F . -2.60 -32.61 -3.36
C11 MI9 F . -3.36 -33.81 -3.90
O13 MI9 F . -4.46 -33.59 -4.48
O12 MI9 F . -2.90 -34.95 -3.77
C06 MI9 F . -0.81 -31.07 -0.97
C07 MI9 F . -1.58 -31.79 0.15
N31 MI9 F . 0.47 -29.53 -2.05
C05 MI9 F . -0.11 -29.82 -0.86
C04 MI9 F . 0.02 -29.11 0.34
C25 MI9 F . 2.02 -28.40 -6.68
C26 MI9 F . 2.45 -27.93 -8.05
C23 MI9 F . 2.18 -27.66 -5.45
C22 MI9 F . 2.83 -26.39 -5.36
C21 MI9 F . 3.10 -25.76 -4.14
C20 MI9 F . 3.96 -24.61 -3.96
C38 MI9 F . 4.64 -23.88 -5.12
C39 MI9 F . 6.09 -24.10 -5.22
C18 MI9 F . 3.98 -24.25 -2.64
C19 MI9 F . 4.74 -23.14 -1.95
N37 MI9 F . 2.60 -26.08 -2.90
C17 MI9 F . 3.15 -25.24 -1.98
C16 MI9 F . 2.90 -25.20 -0.58
C15 MI9 F . 2.08 -26.16 0.05
N14 MI9 F . 1.42 -27.23 -0.53
C03 MI9 F . 0.80 -27.92 0.48
C40 MI9 F . 1.77 -26.15 1.46
C41 MI9 F . 2.21 -25.06 2.46
C42 MI9 F . 3.25 -25.51 3.42
C02 MI9 F . 1.00 -27.22 1.74
C01 MI9 F . 0.43 -27.64 3.09
MO MI9 F . 1.25 -27.64 -2.53
O MI9 F . -0.21 -26.68 -2.86
C1 D0L G . -17.75 -35.39 -1.93
C2 D0L G . -17.72 -34.07 -2.30
C15 D0L G . -11.53 -31.00 -0.19
C14 D0L G . -12.94 -29.07 0.28
C7 D0L G . -16.74 -33.13 -1.66
C12 D0L G . -14.78 -30.25 1.32
C10 D0L G . -14.28 -32.44 0.18
C3 D0L G . -18.66 -33.61 -3.22
C13 D0L G . -14.38 -28.90 0.73
C11 D0L G . -13.69 -31.19 0.78
C6 D0L G . -18.66 -36.23 -2.51
C8 D0L G . -15.26 -33.41 -1.87
C5 D0L G . -19.60 -35.80 -3.44
C9 D0L G . -14.89 -33.28 -3.33
C4 D0L G . -19.60 -34.47 -3.79
O2 D0L G . -14.45 -32.17 -3.72
O3 D0L G . -14.44 -33.41 0.91
O1 D0L G . -15.05 -34.27 -4.11
N2 D0L G . -12.89 -30.41 -0.20
C16 D0L G . -10.64 -30.65 -1.37
C17 D0L G . -9.37 -29.97 -0.85
C18 D0L G . -8.51 -29.38 -1.95
C19 D0L G . -7.51 -28.42 -1.30
C20 D0L G . -6.43 -27.87 -2.23
C21 D0L G . -6.99 -27.06 -3.39
N1 D0L G . -14.60 -32.39 -1.12
CAF SYN H . -3.70 -25.37 -5.28
CAF SYN H . -5.73 -24.23 -6.05
CAD SYN H . -3.54 -25.28 -3.91
CAD SYN H . -6.23 -23.87 -7.29
CAC SYN H . -4.42 -24.52 -3.16
CAC SYN H . -5.60 -24.29 -8.44
CAE SYN H . -5.45 -23.86 -3.78
CAE SYN H . -4.48 -25.08 -8.37
CAG SYN H . -5.63 -23.97 -5.15
CAG SYN H . -3.97 -25.45 -7.14
CAH SYN H . -4.74 -24.72 -5.93
CAH SYN H . -4.58 -25.03 -5.95
CAB SYN H . -4.94 -24.80 -7.39
CAB SYN H . -4.05 -25.41 -4.64
CAA SYN H . -4.13 -25.31 -8.27
CAA SYN H . -4.08 -24.71 -3.55
C1 SOR I . 5.74 -41.10 4.61
C2 SOR I . 5.44 -39.61 4.44
C3 SOR I . 5.47 -39.14 2.97
C4 SOR I . 5.46 -37.62 2.86
C5 SOR I . 5.59 -37.16 1.40
C6 SOR I . 5.79 -35.66 1.32
O1 SOR I . 5.78 -41.46 6.01
O2 SOR I . 4.20 -39.38 5.13
O3 SOR I . 4.40 -39.63 2.13
O4 SOR I . 4.24 -37.07 3.37
O5 SOR I . 6.70 -37.82 0.79
O6 SOR I . 6.29 -35.13 2.57
#